data_1JYI
#
_entry.id   1JYI
#
_cell.length_a   102.545
_cell.length_b   118.323
_cell.length_c   252.591
_cell.angle_alpha   90.00
_cell.angle_beta   90.00
_cell.angle_gamma   90.00
#
_symmetry.space_group_name_H-M   'C 2 2 21'
#
loop_
_entity.id
_entity.type
_entity.pdbx_description
1 polymer Concanavalin-Br
2 polymer '12-mer peptide'
3 non-polymer 'MANGANESE (II) ION'
4 non-polymer 'CALCIUM ION'
5 water water
#
loop_
_entity_poly.entity_id
_entity_poly.type
_entity_poly.pdbx_seq_one_letter_code
_entity_poly.pdbx_strand_id
1 'polypeptide(L)'
;ADTIVAVELDTYPNTDIGDPSYPHIGIDIKSVRSKKTAKWNMQNGKVGTAHIIYNSVDKRLSAVVSYPNADSATVSYDVD
LDNVLPEWVRVGLSASTGLYKETNTILSWSFTSKLKSNSTHETNALHFMFNQFSKDQKDLILQGDATTGTDGNLELTRVS
SNGSPQGSSVGRALFYAPVHIWESSAVVASFEATFTFLIKSPDSHPADGIAFFISNIDSSIPSGSTGRLLGLFPDAN
;
A,B,C,D
2 'polypeptide(L)' DVFYPYPYASGS P,Q,R,S
#
# COMPACT_ATOMS: atom_id res chain seq x y z
N ALA A 1 19.12 -21.06 40.08
CA ALA A 1 19.27 -20.02 41.13
C ALA A 1 20.12 -18.84 40.64
N ASP A 2 20.29 -17.84 41.49
CA ASP A 2 21.06 -16.66 41.13
C ASP A 2 22.43 -16.62 41.81
N THR A 3 23.41 -16.09 41.11
CA THR A 3 24.74 -15.95 41.65
C THR A 3 24.69 -14.62 42.38
N ILE A 4 25.03 -14.63 43.66
CA ILE A 4 24.98 -13.42 44.48
C ILE A 4 26.26 -13.14 45.27
N VAL A 5 26.73 -11.89 45.19
CA VAL A 5 27.90 -11.44 45.94
C VAL A 5 27.34 -10.22 46.66
N ALA A 6 27.51 -10.15 47.97
CA ALA A 6 26.96 -9.03 48.72
C ALA A 6 27.69 -8.68 50.01
N VAL A 7 27.57 -7.40 50.38
CA VAL A 7 28.15 -6.89 51.61
C VAL A 7 26.89 -6.60 52.41
N GLU A 8 26.71 -7.33 53.49
CA GLU A 8 25.54 -7.19 54.34
C GLU A 8 25.77 -6.41 55.62
N LEU A 9 24.78 -5.62 56.01
CA LEU A 9 24.83 -4.87 57.25
C LEU A 9 23.78 -5.60 58.07
N ASP A 10 24.19 -6.72 58.67
CA ASP A 10 23.32 -7.58 59.47
C ASP A 10 22.98 -6.96 60.83
N THR A 11 21.72 -6.59 61.02
CA THR A 11 21.32 -6.00 62.29
C THR A 11 20.85 -6.97 63.36
N TYR A 12 20.59 -8.21 62.99
CA TYR A 12 20.11 -9.22 63.93
C TYR A 12 20.94 -10.49 63.85
N PRO A 13 21.51 -10.92 64.97
CA PRO A 13 22.34 -12.13 65.00
C PRO A 13 21.60 -13.46 65.12
N ASN A 14 21.59 -14.23 64.04
CA ASN A 14 20.94 -15.55 64.05
C ASN A 14 22.07 -16.57 64.13
N THR A 15 22.48 -16.89 65.34
CA THR A 15 23.56 -17.85 65.50
C THR A 15 23.24 -19.22 64.91
N ASP A 16 21.97 -19.50 64.64
CA ASP A 16 21.62 -20.79 64.07
C ASP A 16 22.13 -20.92 62.63
N ILE A 17 22.46 -19.81 61.99
CA ILE A 17 22.98 -19.88 60.63
C ILE A 17 24.39 -19.32 60.52
N GLY A 18 25.10 -19.26 61.64
CA GLY A 18 26.48 -18.77 61.61
C GLY A 18 26.75 -17.30 61.84
N ASP A 19 25.72 -16.57 62.26
CA ASP A 19 25.83 -15.14 62.53
C ASP A 19 26.62 -14.89 63.80
N PRO A 20 27.45 -13.85 63.83
CA PRO A 20 28.19 -13.59 65.06
C PRO A 20 27.15 -13.17 66.12
N SER A 21 27.48 -13.39 67.39
CA SER A 21 26.56 -13.04 68.48
C SER A 21 26.29 -11.56 68.64
N TYR A 22 26.37 -10.80 67.55
CA TYR A 22 26.16 -9.35 67.61
C TYR A 22 26.09 -8.70 66.21
N PRO A 23 25.56 -7.46 66.12
CA PRO A 23 25.48 -6.79 64.82
C PRO A 23 26.83 -6.86 64.13
N HIS A 24 26.82 -7.06 62.82
CA HIS A 24 28.07 -7.17 62.09
C HIS A 24 27.85 -6.83 60.63
N ILE A 25 28.95 -6.64 59.91
CA ILE A 25 28.87 -6.40 58.49
C ILE A 25 29.68 -7.55 57.93
N GLY A 26 29.30 -8.06 56.77
CA GLY A 26 30.04 -9.17 56.21
C GLY A 26 29.97 -9.30 54.71
N ILE A 27 30.82 -10.17 54.17
CA ILE A 27 30.89 -10.41 52.75
C ILE A 27 30.35 -11.82 52.46
N ASP A 28 29.34 -11.89 51.59
CA ASP A 28 28.68 -13.14 51.23
C ASP A 28 28.99 -13.51 49.80
N ILE A 29 29.45 -14.74 49.58
CA ILE A 29 29.75 -15.17 48.24
C ILE A 29 28.86 -16.37 47.98
N LYS A 30 27.64 -16.10 47.51
CA LYS A 30 26.66 -17.13 47.19
C LYS A 30 26.15 -17.91 48.39
N SER A 31 26.16 -17.28 49.56
CA SER A 31 25.70 -17.92 50.77
C SER A 31 25.46 -16.89 51.88
N VAL A 32 24.34 -16.99 52.57
CA VAL A 32 24.04 -16.04 53.63
C VAL A 32 25.08 -16.15 54.74
N ARG A 33 25.81 -17.28 54.75
CA ARG A 33 26.85 -17.50 55.74
C ARG A 33 28.11 -16.79 55.25
N SER A 34 28.32 -15.58 55.75
CA SER A 34 29.44 -14.74 55.36
C SER A 34 30.79 -15.43 55.43
N LYS A 35 31.66 -15.12 54.46
CA LYS A 35 33.00 -15.69 54.42
C LYS A 35 33.90 -14.90 55.36
N LYS A 36 33.46 -13.71 55.74
CA LYS A 36 34.23 -12.84 56.62
C LYS A 36 33.30 -11.81 57.30
N THR A 37 33.38 -11.69 58.62
CA THR A 37 32.52 -10.74 59.31
C THR A 37 33.34 -9.77 60.13
N ALA A 38 32.66 -8.80 60.74
CA ALA A 38 33.34 -7.78 61.55
C ALA A 38 32.30 -7.10 62.42
N LYS A 39 32.53 -7.09 63.72
CA LYS A 39 31.61 -6.47 64.65
C LYS A 39 31.27 -5.07 64.15
N TRP A 40 30.04 -4.65 64.39
CA TRP A 40 29.59 -3.35 63.94
C TRP A 40 28.69 -2.71 65.00
N ASN A 41 29.10 -1.52 65.47
CA ASN A 41 28.34 -0.80 66.48
C ASN A 41 27.15 -0.05 65.86
N MET A 42 26.19 -0.83 65.38
CA MET A 42 24.98 -0.30 64.76
C MET A 42 24.41 0.81 65.64
N GLN A 43 24.25 2.02 65.11
CA GLN A 43 23.69 3.12 65.91
C GLN A 43 22.26 3.48 65.53
N ASN A 44 21.31 2.76 66.12
CA ASN A 44 19.89 2.94 65.85
C ASN A 44 19.42 4.38 65.77
N GLY A 45 18.73 4.72 64.68
CA GLY A 45 18.21 6.06 64.49
C GLY A 45 19.13 7.08 63.86
N LYS A 46 20.41 6.74 63.67
CA LYS A 46 21.38 7.65 63.07
C LYS A 46 21.73 7.31 61.63
N VAL A 47 21.98 8.34 60.82
CA VAL A 47 22.34 8.16 59.41
C VAL A 47 23.80 7.69 59.32
N GLY A 48 24.04 6.63 58.55
CA GLY A 48 25.39 6.13 58.41
C GLY A 48 25.77 6.06 56.94
N THR A 49 27.05 5.87 56.65
CA THR A 49 27.50 5.78 55.28
C THR A 49 28.20 4.45 55.09
N ALA A 50 28.07 3.89 53.89
CA ALA A 50 28.70 2.61 53.57
C ALA A 50 29.52 2.77 52.29
N HIS A 51 30.76 2.28 52.32
CA HIS A 51 31.67 2.34 51.18
C HIS A 51 32.11 0.94 50.82
N ILE A 52 31.90 0.54 49.56
CA ILE A 52 32.34 -0.76 49.08
C ILE A 52 33.22 -0.45 47.87
N ILE A 53 34.40 -1.10 47.83
CA ILE A 53 35.36 -0.90 46.75
C ILE A 53 35.95 -2.24 46.33
N TYR A 54 36.46 -2.30 45.10
CA TYR A 54 37.08 -3.50 44.57
C TYR A 54 37.88 -3.14 43.32
N ASN A 55 38.89 -3.96 43.02
CA ASN A 55 39.72 -3.76 41.84
C ASN A 55 40.34 -5.12 41.51
N SER A 56 40.54 -5.40 40.22
CA SER A 56 41.09 -6.68 39.80
C SER A 56 42.61 -6.84 39.94
N VAL A 57 43.29 -5.79 40.36
CA VAL A 57 44.73 -5.90 40.55
C VAL A 57 44.94 -6.63 41.89
N ASP A 58 44.26 -6.15 42.97
CA ASP A 58 44.33 -6.76 44.34
C ASP A 58 43.36 -7.91 44.42
N LYS A 59 42.29 -7.84 43.62
CA LYS A 59 41.20 -8.82 43.66
C LYS A 59 40.67 -8.96 45.08
N ARG A 60 40.58 -7.84 45.77
CA ARG A 60 40.09 -7.82 47.13
C ARG A 60 38.87 -6.91 47.26
N LEU A 61 37.74 -7.48 47.69
CA LEU A 61 36.52 -6.71 47.88
C LEU A 61 36.50 -6.21 49.33
N SER A 62 36.39 -4.90 49.53
CA SER A 62 36.40 -4.30 50.86
C SER A 62 35.24 -3.35 51.11
N ALA A 63 34.93 -3.14 52.39
CA ALA A 63 33.84 -2.26 52.76
C ALA A 63 34.04 -1.61 54.14
N VAL A 64 33.51 -0.42 54.31
CA VAL A 64 33.60 0.29 55.59
C VAL A 64 32.28 0.93 55.92
N VAL A 65 31.78 0.67 57.12
CA VAL A 65 30.54 1.27 57.54
C VAL A 65 30.90 2.23 58.67
N SER A 66 30.28 3.41 58.67
CA SER A 66 30.57 4.39 59.71
C SER A 66 29.44 5.36 59.96
N TYR A 67 29.48 6.00 61.13
CA TYR A 67 28.51 7.00 61.53
C TYR A 67 29.39 8.17 61.95
N PRO A 68 28.93 9.41 61.72
CA PRO A 68 29.71 10.60 62.08
C PRO A 68 30.14 10.60 63.54
N ASN A 69 31.38 11.03 63.78
CA ASN A 69 31.91 11.13 65.15
C ASN A 69 31.90 9.79 65.88
N ALA A 70 31.72 8.71 65.12
CA ALA A 70 31.69 7.36 65.68
C ALA A 70 32.80 6.56 65.02
N ASP A 71 32.94 5.29 65.38
CA ASP A 71 33.99 4.48 64.79
C ASP A 71 33.59 3.82 63.48
N SER A 72 34.56 3.19 62.85
CA SER A 72 34.32 2.53 61.58
C SER A 72 34.57 1.03 61.61
N ALA A 73 33.62 0.29 61.10
CA ALA A 73 33.74 -1.15 61.03
C ALA A 73 34.26 -1.44 59.61
N THR A 74 35.33 -2.25 59.53
CA THR A 74 35.95 -2.59 58.25
C THR A 74 35.99 -4.09 58.06
N VAL A 75 35.81 -4.54 56.81
CA VAL A 75 35.85 -5.95 56.49
C VAL A 75 36.37 -6.06 55.06
N SER A 76 37.18 -7.09 54.81
CA SER A 76 37.77 -7.33 53.49
C SER A 76 37.97 -8.82 53.27
N TYR A 77 37.80 -9.24 52.02
CA TYR A 77 37.94 -10.64 51.67
C TYR A 77 38.59 -10.71 50.30
N ASP A 78 39.38 -11.75 50.07
CA ASP A 78 40.05 -11.90 48.80
C ASP A 78 39.21 -12.81 47.91
N VAL A 79 38.84 -12.31 46.73
CA VAL A 79 38.01 -13.05 45.80
C VAL A 79 38.12 -12.55 44.36
N ASP A 80 38.43 -13.45 43.43
CA ASP A 80 38.53 -13.09 42.03
C ASP A 80 37.10 -13.16 41.50
N LEU A 81 36.48 -12.01 41.29
CA LEU A 81 35.09 -11.96 40.83
C LEU A 81 34.84 -12.55 39.43
N ASP A 82 35.92 -12.84 38.72
CA ASP A 82 35.80 -13.40 37.38
C ASP A 82 35.33 -14.86 37.44
N ASN A 83 35.63 -15.52 38.56
CA ASN A 83 35.26 -16.91 38.75
C ASN A 83 33.94 -17.07 39.50
N VAL A 84 33.46 -15.98 40.08
CA VAL A 84 32.23 -16.04 40.85
C VAL A 84 31.03 -15.44 40.13
N LEU A 85 31.28 -14.42 39.33
CA LEU A 85 30.20 -13.75 38.61
C LEU A 85 30.37 -13.78 37.11
N PRO A 86 29.26 -13.58 36.38
CA PRO A 86 29.24 -13.55 34.91
C PRO A 86 29.74 -12.14 34.55
N GLU A 87 30.25 -11.93 33.35
CA GLU A 87 30.74 -10.59 33.04
C GLU A 87 29.68 -9.51 32.93
N TRP A 88 28.42 -9.93 32.80
CA TRP A 88 27.31 -8.98 32.74
C TRP A 88 26.39 -9.22 33.92
N VAL A 89 26.32 -8.24 34.80
CA VAL A 89 25.51 -8.36 36.00
C VAL A 89 24.66 -7.11 36.23
N ARG A 90 23.99 -7.07 37.38
CA ARG A 90 23.16 -5.94 37.78
C ARG A 90 23.49 -5.65 39.23
N VAL A 91 23.36 -4.40 39.64
CA VAL A 91 23.69 -4.05 41.01
C VAL A 91 22.49 -3.43 41.73
N GLY A 92 22.49 -3.49 43.06
CA GLY A 92 21.38 -2.93 43.78
C GLY A 92 21.37 -3.11 45.28
N LEU A 93 20.27 -2.74 45.90
CA LEU A 93 20.12 -2.86 47.34
C LEU A 93 18.96 -3.80 47.69
N SER A 94 19.13 -4.51 48.79
CA SER A 94 18.14 -5.46 49.28
C SER A 94 18.06 -5.29 50.79
N ALA A 95 16.92 -5.66 51.38
CA ALA A 95 16.74 -5.55 52.83
C ALA A 95 15.47 -6.25 53.29
N SER A 96 15.42 -6.63 54.55
CA SER A 96 14.24 -7.32 55.06
C SER A 96 13.95 -7.13 56.55
N THR A 97 12.82 -7.70 56.96
CA THR A 97 12.37 -7.69 58.34
C THR A 97 11.71 -9.05 58.51
N GLY A 98 11.61 -9.52 59.74
CA GLY A 98 10.98 -10.82 59.95
C GLY A 98 10.01 -10.71 61.10
N LEU A 99 10.45 -11.17 62.26
CA LEU A 99 9.64 -11.12 63.48
C LEU A 99 9.84 -9.74 64.07
N TYR A 100 11.07 -9.23 64.00
CA TYR A 100 11.41 -7.91 64.50
C TYR A 100 11.56 -7.05 63.25
N LYS A 101 11.42 -5.74 63.40
CA LYS A 101 11.52 -4.87 62.26
C LYS A 101 12.39 -3.64 62.49
N GLU A 102 12.62 -2.92 61.41
CA GLU A 102 13.43 -1.70 61.41
C GLU A 102 13.16 -1.03 60.08
N THR A 103 13.45 0.27 60.00
CA THR A 103 13.25 0.96 58.74
C THR A 103 14.54 0.79 57.99
N ASN A 104 14.46 0.43 56.72
CA ASN A 104 15.66 0.28 55.91
C ASN A 104 15.61 1.39 54.86
N THR A 105 15.72 2.64 55.31
CA THR A 105 15.66 3.79 54.41
C THR A 105 16.98 4.18 53.76
N ILE A 106 16.97 4.36 52.44
CA ILE A 106 18.18 4.75 51.72
C ILE A 106 18.07 6.23 51.34
N LEU A 107 18.98 7.03 51.87
CA LEU A 107 19.01 8.47 51.64
C LEU A 107 19.76 8.92 50.37
N SER A 108 20.74 8.11 49.95
CA SER A 108 21.51 8.40 48.75
C SER A 108 22.28 7.15 48.34
N TRP A 109 22.54 7.02 47.05
CA TRP A 109 23.27 5.87 46.54
C TRP A 109 23.96 6.26 45.24
N SER A 110 25.26 5.99 45.18
CA SER A 110 26.04 6.27 43.99
C SER A 110 26.90 5.05 43.71
N PHE A 111 27.31 4.89 42.46
CA PHE A 111 28.13 3.75 42.03
C PHE A 111 28.98 4.16 40.82
N THR A 112 30.11 3.51 40.66
CA THR A 112 30.98 3.81 39.54
C THR A 112 31.77 2.56 39.14
N SER A 113 31.71 2.22 37.86
CA SER A 113 32.41 1.06 37.36
C SER A 113 33.34 1.50 36.24
N LYS A 114 34.53 0.90 36.17
CA LYS A 114 35.51 1.23 35.14
C LYS A 114 36.23 0.01 34.58
N LEU A 115 36.44 0.00 33.26
CA LEU A 115 37.13 -1.08 32.58
C LEU A 115 38.24 -0.48 31.73
N LYS A 116 39.47 -0.94 31.95
CA LYS A 116 40.63 -0.47 31.18
C LYS A 116 41.07 -1.67 30.35
N SER A 117 40.66 -1.75 29.10
CA SER A 117 41.00 -2.89 28.25
C SER A 117 42.49 -2.96 27.89
N ASN A 118 42.95 -4.16 27.56
CA ASN A 118 44.35 -4.38 27.20
C ASN A 118 44.58 -3.92 25.76
N SER A 119 44.50 -2.61 25.58
CA SER A 119 44.69 -1.96 24.30
C SER A 119 44.88 -0.50 24.70
N THR A 120 45.25 -0.32 25.96
CA THR A 120 45.46 1.00 26.55
C THR A 120 44.25 1.90 26.42
N HIS A 121 44.02 2.70 27.44
CA HIS A 121 42.90 3.65 27.52
C HIS A 121 41.61 3.22 26.81
N GLU A 122 41.39 1.90 26.71
CA GLU A 122 40.16 1.41 26.10
C GLU A 122 39.17 1.45 27.24
N THR A 123 39.24 2.55 27.99
CA THR A 123 38.40 2.75 29.14
C THR A 123 36.92 2.98 28.87
N ASN A 124 36.12 2.12 29.47
CA ASN A 124 34.68 2.17 29.40
C ASN A 124 34.30 2.41 30.85
N ALA A 125 33.25 3.19 31.09
CA ALA A 125 32.85 3.43 32.46
C ALA A 125 31.35 3.70 32.59
N LEU A 126 30.85 3.50 33.79
CA LEU A 126 29.45 3.74 34.11
C LEU A 126 29.40 4.42 35.46
N HIS A 127 28.56 5.45 35.57
CA HIS A 127 28.44 6.14 36.83
C HIS A 127 27.06 6.69 37.05
N PHE A 128 26.49 6.41 38.22
CA PHE A 128 25.20 6.98 38.55
C PHE A 128 25.27 7.43 40.01
N MET A 129 24.42 8.37 40.37
CA MET A 129 24.38 8.91 41.73
C MET A 129 22.99 9.42 42.07
N PHE A 130 22.41 8.90 43.15
CA PHE A 130 21.08 9.29 43.59
C PHE A 130 21.11 9.98 44.94
N ASN A 131 20.58 11.20 45.02
CA ASN A 131 20.51 11.91 46.29
C ASN A 131 19.04 12.14 46.59
N GLN A 132 18.24 12.03 45.54
CA GLN A 132 16.79 12.21 45.58
C GLN A 132 16.17 11.04 44.81
N PHE A 133 15.02 10.57 45.26
CA PHE A 133 14.32 9.48 44.57
C PHE A 133 12.92 9.98 44.29
N SER A 134 12.49 9.88 43.04
CA SER A 134 11.16 10.34 42.67
C SER A 134 10.16 9.23 42.87
N LYS A 135 8.88 9.57 42.86
CA LYS A 135 7.87 8.54 43.01
C LYS A 135 8.04 7.59 41.84
N ASP A 136 8.16 8.16 40.64
CA ASP A 136 8.35 7.36 39.44
C ASP A 136 9.80 7.44 38.98
N GLN A 137 10.63 6.56 39.53
CA GLN A 137 12.06 6.49 39.25
C GLN A 137 12.33 5.42 38.19
N LYS A 138 12.03 5.75 36.93
CA LYS A 138 12.19 4.84 35.81
C LYS A 138 13.54 4.15 35.57
N ASP A 139 14.62 4.63 36.18
CA ASP A 139 15.90 3.95 35.94
C ASP A 139 16.21 2.89 37.01
N LEU A 140 15.23 2.61 37.86
CA LEU A 140 15.38 1.62 38.92
C LEU A 140 14.34 0.49 38.78
N ILE A 141 14.75 -0.73 39.13
CA ILE A 141 13.82 -1.85 39.12
C ILE A 141 13.46 -2.08 40.57
N LEU A 142 12.18 -1.95 40.91
CA LEU A 142 11.77 -2.16 42.28
C LEU A 142 11.11 -3.51 42.40
N GLN A 143 11.65 -4.36 43.27
CA GLN A 143 11.11 -5.69 43.48
C GLN A 143 10.60 -5.73 44.93
N GLY A 144 9.64 -6.61 45.19
CA GLY A 144 9.10 -6.72 46.53
C GLY A 144 8.39 -5.47 47.04
N ASP A 145 8.59 -5.16 48.33
CA ASP A 145 7.95 -4.01 48.96
C ASP A 145 8.70 -2.68 48.84
N ALA A 146 9.78 -2.65 48.07
CA ALA A 146 10.54 -1.41 47.89
C ALA A 146 9.69 -0.35 47.17
N THR A 147 9.84 0.90 47.60
CA THR A 147 9.10 2.02 47.03
C THR A 147 9.98 3.26 47.08
N THR A 148 9.64 4.30 46.33
CA THR A 148 10.42 5.54 46.30
C THR A 148 9.49 6.75 46.34
N GLY A 149 10.08 7.94 46.40
CA GLY A 149 9.29 9.17 46.42
C GLY A 149 9.01 9.70 47.83
N THR A 150 9.05 8.80 48.80
CA THR A 150 8.80 9.13 50.19
C THR A 150 9.87 10.05 50.79
N ASP A 151 9.57 11.34 50.87
CA ASP A 151 10.52 12.33 51.39
C ASP A 151 11.76 12.33 50.50
N GLY A 152 11.64 11.70 49.33
CA GLY A 152 12.76 11.62 48.42
C GLY A 152 13.71 10.50 48.72
N ASN A 153 13.29 9.54 49.55
CA ASN A 153 14.13 8.40 49.90
C ASN A 153 13.59 7.10 49.34
N LEU A 154 14.38 6.05 49.49
CA LEU A 154 13.99 4.73 49.05
C LEU A 154 13.72 3.91 50.30
N GLU A 155 12.54 3.30 50.37
CA GLU A 155 12.19 2.44 51.49
C GLU A 155 12.25 1.03 50.90
N LEU A 156 13.26 0.27 51.27
CA LEU A 156 13.40 -1.07 50.75
C LEU A 156 12.34 -2.00 51.32
N THR A 157 11.80 -1.66 52.49
CA THR A 157 10.77 -2.49 53.12
C THR A 157 9.52 -1.69 53.56
N ARG A 158 8.48 -2.43 53.96
CA ARG A 158 7.21 -1.85 54.41
C ARG A 158 7.36 -0.90 55.58
N VAL A 159 6.66 0.23 55.51
CA VAL A 159 6.65 1.23 56.56
C VAL A 159 5.30 1.93 56.46
N SER A 160 4.53 1.91 57.55
CA SER A 160 3.20 2.53 57.56
C SER A 160 3.22 4.06 57.55
N SER A 161 2.03 4.64 57.50
CA SER A 161 1.89 6.09 57.47
C SER A 161 2.49 6.73 58.71
N ASN A 162 2.23 6.12 59.87
CA ASN A 162 2.76 6.61 61.13
C ASN A 162 4.30 6.58 61.12
N GLY A 163 4.86 6.02 60.05
CA GLY A 163 6.30 5.96 59.90
C GLY A 163 7.00 4.82 60.61
N SER A 164 6.25 3.85 61.13
CA SER A 164 6.85 2.71 61.83
C SER A 164 7.04 1.52 60.88
N PRO A 165 8.15 0.79 61.05
CA PRO A 165 8.46 -0.38 60.20
C PRO A 165 7.47 -1.54 60.35
N GLN A 166 7.58 -2.50 59.43
CA GLN A 166 6.73 -3.67 59.40
C GLN A 166 7.54 -4.97 59.45
N GLY A 167 6.89 -6.04 59.91
CA GLY A 167 7.55 -7.33 59.98
C GLY A 167 7.30 -8.13 58.71
N SER A 168 8.06 -9.20 58.52
CA SER A 168 7.93 -10.05 57.34
C SER A 168 7.80 -9.24 56.06
N SER A 169 8.86 -8.51 55.71
CA SER A 169 8.89 -7.69 54.51
C SER A 169 10.22 -7.86 53.74
N VAL A 170 10.16 -7.88 52.42
CA VAL A 170 11.35 -8.02 51.57
C VAL A 170 11.26 -7.06 50.41
N GLY A 171 12.33 -6.32 50.15
CA GLY A 171 12.31 -5.39 49.04
C GLY A 171 13.69 -5.02 48.53
N ARG A 172 13.84 -4.97 47.21
CA ARG A 172 15.11 -4.62 46.61
C ARG A 172 14.97 -3.54 45.53
N ALA A 173 16.12 -3.05 45.08
CA ALA A 173 16.18 -2.04 44.03
C ALA A 173 17.44 -2.32 43.22
N LEU A 174 17.29 -2.36 41.89
CA LEU A 174 18.43 -2.60 41.03
C LEU A 174 18.50 -1.48 40.01
N PHE A 175 19.68 -1.21 39.47
CA PHE A 175 19.82 -0.18 38.47
C PHE A 175 19.30 -0.80 37.18
N TYR A 176 18.58 -0.01 36.38
CA TYR A 176 17.99 -0.51 35.14
C TYR A 176 18.98 -1.09 34.13
N ALA A 177 20.10 -0.41 33.89
CA ALA A 177 21.08 -0.87 32.92
C ALA A 177 22.05 -1.95 33.41
N PRO A 178 22.26 -3.00 32.59
CA PRO A 178 23.18 -4.08 32.97
C PRO A 178 24.58 -3.46 33.11
N VAL A 179 25.44 -4.10 33.89
CA VAL A 179 26.81 -3.61 34.09
C VAL A 179 27.86 -4.63 33.72
N HIS A 180 28.79 -4.21 32.87
CA HIS A 180 29.89 -5.07 32.44
C HIS A 180 30.90 -4.99 33.58
N ILE A 181 30.88 -5.98 34.46
CA ILE A 181 31.74 -5.98 35.63
C ILE A 181 33.17 -6.49 35.38
N TRP A 182 33.37 -7.27 34.32
CA TRP A 182 34.70 -7.76 34.00
C TRP A 182 34.82 -8.27 32.56
N GLU A 183 36.04 -8.27 32.04
CA GLU A 183 36.29 -8.74 30.70
C GLU A 183 37.67 -9.39 30.73
N SER A 184 37.90 -10.35 29.84
CA SER A 184 39.18 -11.05 29.80
C SER A 184 40.35 -10.12 29.52
N SER A 185 40.38 -9.55 28.31
CA SER A 185 41.44 -8.64 27.91
C SER A 185 41.32 -7.32 28.66
N ALA A 186 41.30 -7.41 29.98
CA ALA A 186 41.17 -6.23 30.83
C ALA A 186 42.39 -6.14 31.72
N VAL A 187 43.00 -4.96 31.77
CA VAL A 187 44.19 -4.73 32.56
C VAL A 187 43.84 -4.41 34.01
N VAL A 188 42.78 -3.61 34.17
CA VAL A 188 42.32 -3.23 35.50
C VAL A 188 40.84 -2.95 35.46
N ALA A 189 40.08 -3.71 36.25
CA ALA A 189 38.64 -3.52 36.32
C ALA A 189 38.37 -3.16 37.77
N SER A 190 37.61 -2.09 37.99
CA SER A 190 37.30 -1.67 39.35
C SER A 190 35.95 -1.00 39.45
N PHE A 191 35.40 -0.99 40.66
CA PHE A 191 34.12 -0.39 40.92
C PHE A 191 34.07 0.02 42.39
N GLU A 192 33.34 1.08 42.70
CA GLU A 192 33.16 1.51 44.06
C GLU A 192 31.77 2.07 44.20
N ALA A 193 31.10 1.69 45.29
CA ALA A 193 29.72 2.10 45.54
C ALA A 193 29.55 2.68 46.93
N THR A 194 28.67 3.68 47.05
CA THR A 194 28.38 4.32 48.32
C THR A 194 26.88 4.50 48.53
N PHE A 195 26.47 4.56 49.80
CA PHE A 195 25.08 4.80 50.11
C PHE A 195 24.89 5.15 51.58
N THR A 196 23.95 6.07 51.83
CA THR A 196 23.66 6.48 53.19
C THR A 196 22.33 5.85 53.54
N PHE A 197 22.25 5.31 54.76
CA PHE A 197 21.05 4.65 55.23
C PHE A 197 20.64 5.15 56.59
N LEU A 198 19.39 4.87 56.95
CA LEU A 198 18.84 5.27 58.22
C LEU A 198 18.00 4.14 58.78
N ILE A 199 18.65 3.25 59.53
CA ILE A 199 17.97 2.11 60.15
C ILE A 199 17.40 2.57 61.48
N LYS A 200 16.08 2.64 61.57
CA LYS A 200 15.38 3.10 62.76
C LYS A 200 14.48 2.00 63.30
N SER A 201 14.55 1.77 64.61
CA SER A 201 13.74 0.73 65.23
C SER A 201 13.04 1.25 66.49
N PRO A 202 11.71 1.44 66.43
CA PRO A 202 10.94 1.94 67.58
C PRO A 202 10.80 0.87 68.66
N ASP A 203 10.66 -0.37 68.20
CA ASP A 203 10.51 -1.52 69.08
C ASP A 203 11.85 -1.92 69.70
N SER A 204 12.85 -1.08 69.51
CA SER A 204 14.19 -1.29 70.05
C SER A 204 14.94 -2.56 69.66
N HIS A 205 14.30 -3.41 68.85
CA HIS A 205 14.91 -4.68 68.44
C HIS A 205 14.95 -4.71 66.91
N PRO A 206 16.03 -4.18 66.30
CA PRO A 206 16.24 -4.12 64.85
C PRO A 206 16.46 -5.47 64.17
N ALA A 207 16.01 -5.58 62.93
CA ALA A 207 16.18 -6.80 62.15
C ALA A 207 15.53 -6.56 60.80
N ASP A 208 16.22 -6.94 59.73
CA ASP A 208 17.21 -8.02 59.76
C ASP A 208 18.49 -7.51 59.11
N GLY A 209 18.37 -6.42 58.36
CA GLY A 209 19.54 -5.86 57.72
C GLY A 209 19.34 -5.32 56.32
N ILE A 210 20.40 -4.68 55.82
CA ILE A 210 20.42 -4.10 54.48
C ILE A 210 21.65 -4.63 53.78
N ALA A 211 21.58 -4.78 52.46
CA ALA A 211 22.73 -5.28 51.71
C ALA A 211 22.91 -4.67 50.32
N PHE A 212 24.16 -4.59 49.89
CA PHE A 212 24.50 -4.10 48.56
C PHE A 212 24.84 -5.40 47.82
N PHE A 213 24.23 -5.62 46.67
CA PHE A 213 24.53 -6.86 45.98
C PHE A 213 24.79 -6.74 44.48
N ILE A 214 25.38 -7.81 43.97
CA ILE A 214 25.71 -7.93 42.57
C ILE A 214 25.17 -9.30 42.17
N SER A 215 24.36 -9.35 41.11
CA SER A 215 23.78 -10.62 40.67
C SER A 215 23.61 -10.68 39.17
N ASN A 216 23.14 -11.82 38.68
CA ASN A 216 22.88 -11.98 37.26
C ASN A 216 21.78 -10.98 36.89
N ILE A 217 21.81 -10.54 35.64
CA ILE A 217 20.85 -9.56 35.15
C ILE A 217 19.39 -9.78 35.53
N ASP A 218 18.94 -11.03 35.47
CA ASP A 218 17.54 -11.37 35.76
C ASP A 218 17.20 -11.84 37.18
N SER A 219 18.00 -11.41 38.15
CA SER A 219 17.79 -11.78 39.54
C SER A 219 16.50 -11.24 40.17
N SER A 220 15.74 -12.12 40.81
CA SER A 220 14.50 -11.73 41.49
C SER A 220 14.43 -12.29 42.92
N ILE A 221 13.65 -11.65 43.78
CA ILE A 221 13.50 -12.06 45.18
C ILE A 221 13.10 -13.54 45.32
N PRO A 222 13.92 -14.33 46.02
CA PRO A 222 13.67 -15.76 46.24
C PRO A 222 12.52 -16.03 47.20
N SER A 223 11.89 -17.20 47.07
CA SER A 223 10.80 -17.57 47.97
C SER A 223 11.24 -17.58 49.43
N GLY A 224 10.41 -17.01 50.29
CA GLY A 224 10.70 -16.98 51.70
C GLY A 224 12.01 -16.34 52.11
N SER A 225 12.68 -15.67 51.18
CA SER A 225 13.96 -15.01 51.45
C SER A 225 13.73 -13.76 52.30
N THR A 226 12.66 -13.78 53.07
CA THR A 226 12.30 -12.67 53.95
C THR A 226 13.17 -12.78 55.23
N GLY A 227 12.94 -11.88 56.18
CA GLY A 227 13.71 -11.91 57.42
C GLY A 227 15.21 -12.08 57.33
N ARG A 228 15.74 -13.08 58.03
CA ARG A 228 17.18 -13.35 58.08
C ARG A 228 17.87 -13.71 56.75
N LEU A 229 17.11 -13.85 55.68
CA LEU A 229 17.73 -14.19 54.41
C LEU A 229 18.06 -12.97 53.56
N LEU A 230 17.72 -11.81 54.11
CA LEU A 230 17.99 -10.52 53.47
C LEU A 230 17.57 -10.45 51.98
N GLY A 231 16.54 -11.21 51.61
CA GLY A 231 16.06 -11.20 50.24
C GLY A 231 17.15 -11.47 49.23
N LEU A 232 18.14 -12.26 49.61
CA LEU A 232 19.25 -12.59 48.73
C LEU A 232 19.35 -14.09 48.41
N PHE A 233 19.12 -14.93 49.42
CA PHE A 233 19.23 -16.36 49.20
C PHE A 233 17.92 -17.11 49.52
N PRO A 234 17.74 -18.29 48.91
CA PRO A 234 16.56 -19.14 49.09
C PRO A 234 16.66 -20.08 50.29
N ASP A 235 17.88 -20.30 50.77
CA ASP A 235 18.12 -21.17 51.92
C ASP A 235 19.36 -20.70 52.67
N ALA A 236 19.46 -21.11 53.94
CA ALA A 236 20.58 -20.73 54.80
C ALA A 236 21.82 -21.60 54.60
N ASN A 237 21.91 -22.28 53.45
CA ASN A 237 23.04 -23.13 53.14
C ASN A 237 24.31 -22.31 53.06
N ALA B 1 2.91 8.49 19.56
CA ALA B 1 3.80 9.52 18.94
C ALA B 1 5.26 9.33 19.37
N ASP B 2 6.17 9.76 18.50
CA ASP B 2 7.61 9.65 18.77
C ASP B 2 8.19 11.06 18.80
N THR B 3 8.57 11.51 19.99
CA THR B 3 9.14 12.84 20.13
C THR B 3 10.66 12.77 19.94
N ILE B 4 11.17 13.64 19.08
CA ILE B 4 12.61 13.67 18.80
C ILE B 4 13.18 15.08 18.89
N VAL B 5 14.44 15.14 19.28
CA VAL B 5 15.19 16.39 19.37
C VAL B 5 16.55 15.88 18.94
N ALA B 6 16.95 16.18 17.73
CA ALA B 6 18.22 15.67 17.22
C ALA B 6 19.19 16.72 16.75
N VAL B 7 20.47 16.34 16.79
CA VAL B 7 21.56 17.16 16.33
C VAL B 7 22.11 16.28 15.22
N GLU B 8 21.88 16.69 13.99
CA GLU B 8 22.29 15.90 12.83
C GLU B 8 23.55 16.32 12.09
N LEU B 9 24.24 15.31 11.57
CA LEU B 9 25.42 15.51 10.77
C LEU B 9 24.95 15.07 9.38
N ASP B 10 24.21 15.95 8.72
CA ASP B 10 23.65 15.71 7.38
C ASP B 10 24.75 15.80 6.33
N THR B 11 24.96 14.73 5.56
CA THR B 11 26.01 14.75 4.55
C THR B 11 25.54 14.89 3.11
N TYR B 12 24.22 14.83 2.90
CA TYR B 12 23.66 14.96 1.56
C TYR B 12 22.58 16.05 1.51
N PRO B 13 22.67 16.95 0.53
CA PRO B 13 21.71 18.05 0.37
C PRO B 13 20.39 17.69 -0.31
N ASN B 14 19.35 17.43 0.48
CA ASN B 14 18.04 17.12 -0.08
C ASN B 14 17.25 18.42 -0.06
N THR B 15 17.52 19.28 -1.04
CA THR B 15 16.85 20.56 -1.13
C THR B 15 15.35 20.38 -1.32
N ASP B 16 14.94 19.16 -1.66
CA ASP B 16 13.53 18.86 -1.85
C ASP B 16 12.76 18.95 -0.53
N ILE B 17 13.48 18.88 0.59
CA ILE B 17 12.85 18.96 1.90
C ILE B 17 13.47 20.04 2.78
N GLY B 18 14.04 21.07 2.17
CA GLY B 18 14.62 22.18 2.92
C GLY B 18 16.11 22.20 3.20
N ASP B 19 16.84 21.19 2.75
CA ASP B 19 18.29 21.12 3.00
C ASP B 19 19.09 22.21 2.29
N PRO B 20 20.15 22.70 2.94
CA PRO B 20 21.03 23.72 2.38
C PRO B 20 21.85 23.08 1.25
N SER B 21 22.33 23.89 0.29
CA SER B 21 23.11 23.34 -0.82
C SER B 21 24.49 22.85 -0.41
N TYR B 22 24.61 22.24 0.75
CA TYR B 22 25.90 21.74 1.22
C TYR B 22 25.79 20.88 2.46
N PRO B 23 26.83 20.05 2.71
CA PRO B 23 26.85 19.18 3.89
C PRO B 23 26.72 20.14 5.05
N HIS B 24 25.94 19.79 6.05
CA HIS B 24 25.76 20.70 7.17
C HIS B 24 25.43 19.99 8.47
N ILE B 25 25.52 20.72 9.57
CA ILE B 25 25.14 20.16 10.85
C ILE B 25 23.93 21.02 11.20
N GLY B 26 22.93 20.41 11.85
CA GLY B 26 21.74 21.15 12.21
C GLY B 26 21.07 20.67 13.46
N ILE B 27 20.08 21.44 13.90
CA ILE B 27 19.33 21.11 15.11
C ILE B 27 17.87 20.92 14.72
N ASP B 28 17.36 19.72 14.99
CA ASP B 28 15.98 19.37 14.66
C ASP B 28 15.11 19.19 15.90
N ILE B 29 13.96 19.86 15.91
CA ILE B 29 13.01 19.76 17.01
C ILE B 29 11.73 19.14 16.49
N LYS B 30 11.56 17.84 16.71
CA LYS B 30 10.37 17.13 16.25
C LYS B 30 10.16 17.20 14.74
N SER B 31 11.19 17.61 14.00
CA SER B 31 11.10 17.70 12.54
C SER B 31 12.45 17.58 11.83
N VAL B 32 12.44 16.94 10.66
CA VAL B 32 13.66 16.77 9.87
C VAL B 32 14.06 18.12 9.25
N ARG B 33 13.11 19.05 9.15
CA ARG B 33 13.40 20.37 8.59
C ARG B 33 14.07 21.22 9.65
N SER B 34 15.38 21.06 9.79
CA SER B 34 16.18 21.78 10.79
C SER B 34 15.70 23.18 11.13
N LYS B 35 15.77 23.53 12.39
CA LYS B 35 15.38 24.84 12.88
C LYS B 35 16.57 25.77 12.69
N LYS B 36 17.76 25.20 12.72
CA LYS B 36 19.01 25.94 12.57
C LYS B 36 20.07 25.03 11.96
N THR B 37 20.83 25.55 11.00
CA THR B 37 21.88 24.75 10.36
C THR B 37 23.17 25.53 10.16
N ALA B 38 24.27 24.78 10.02
CA ALA B 38 25.57 25.38 9.82
C ALA B 38 26.39 24.56 8.82
N LYS B 39 26.99 25.26 7.88
CA LYS B 39 27.81 24.63 6.85
C LYS B 39 28.86 23.76 7.54
N TRP B 40 29.08 22.57 7.02
CA TRP B 40 30.05 21.66 7.61
C TRP B 40 30.98 21.07 6.56
N ASN B 41 32.29 21.24 6.80
CA ASN B 41 33.31 20.74 5.88
C ASN B 41 33.61 19.27 6.10
N MET B 42 32.70 18.40 5.71
CA MET B 42 32.89 16.97 5.86
C MET B 42 34.19 16.53 5.20
N GLN B 43 34.83 15.49 5.76
CA GLN B 43 36.07 15.00 5.19
C GLN B 43 36.05 13.48 5.07
N ASN B 44 35.68 13.03 3.88
CA ASN B 44 35.58 11.62 3.57
C ASN B 44 36.79 10.87 4.09
N GLY B 45 36.55 9.84 4.88
CA GLY B 45 37.62 9.01 5.42
C GLY B 45 38.38 9.50 6.63
N LYS B 46 38.08 10.68 7.14
CA LYS B 46 38.77 11.23 8.31
C LYS B 46 37.94 11.03 9.58
N VAL B 47 38.62 10.70 10.68
CA VAL B 47 37.92 10.51 11.95
C VAL B 47 37.56 11.90 12.48
N GLY B 48 36.29 12.09 12.83
CA GLY B 48 35.83 13.37 13.35
C GLY B 48 35.18 13.28 14.73
N THR B 49 35.10 14.41 15.43
CA THR B 49 34.51 14.46 16.77
C THR B 49 33.26 15.34 16.81
N ALA B 50 32.36 15.04 17.74
CA ALA B 50 31.14 15.83 17.88
C ALA B 50 30.78 16.02 19.35
N HIS B 51 30.53 17.27 19.72
CA HIS B 51 30.16 17.62 21.09
C HIS B 51 28.81 18.31 21.09
N ILE B 52 27.88 17.81 21.91
CA ILE B 52 26.59 18.48 22.03
C ILE B 52 26.50 18.87 23.50
N ILE B 53 26.10 20.10 23.77
CA ILE B 53 25.98 20.57 25.14
C ILE B 53 24.69 21.35 25.35
N TYR B 54 24.16 21.29 26.57
CA TYR B 54 22.92 21.97 26.94
C TYR B 54 22.86 22.20 28.44
N ASN B 55 22.32 23.34 28.84
CA ASN B 55 22.14 23.66 30.27
C ASN B 55 20.81 24.41 30.38
N SER B 56 20.13 24.26 31.51
CA SER B 56 18.82 24.89 31.66
C SER B 56 18.86 26.38 31.96
N VAL B 57 20.04 26.88 32.33
CA VAL B 57 20.14 28.30 32.64
C VAL B 57 19.97 29.15 31.39
N ASP B 58 20.67 28.73 30.31
CA ASP B 58 20.62 29.41 29.03
C ASP B 58 19.49 28.90 28.15
N LYS B 59 19.12 27.61 28.35
CA LYS B 59 18.16 26.93 27.51
C LYS B 59 18.60 27.08 26.06
N ARG B 60 19.90 26.82 25.86
CA ARG B 60 20.55 26.92 24.57
C ARG B 60 21.28 25.60 24.25
N LEU B 61 20.86 24.94 23.16
CA LEU B 61 21.44 23.67 22.72
C LEU B 61 22.50 23.93 21.65
N SER B 62 23.77 23.70 21.99
CA SER B 62 24.86 23.94 21.02
C SER B 62 25.63 22.66 20.65
N ALA B 63 26.16 22.67 19.42
CA ALA B 63 26.91 21.53 18.92
C ALA B 63 28.16 22.00 18.17
N VAL B 64 29.23 21.24 18.28
CA VAL B 64 30.46 21.57 17.58
C VAL B 64 30.98 20.33 16.89
N VAL B 65 31.19 20.43 15.58
CA VAL B 65 31.73 19.31 14.84
C VAL B 65 33.07 19.75 14.30
N SER B 66 34.09 18.90 14.47
CA SER B 66 35.42 19.24 13.99
C SER B 66 36.24 18.02 13.59
N TYR B 67 37.32 18.28 12.87
CA TYR B 67 38.25 17.27 12.43
C TYR B 67 39.62 17.74 12.90
N PRO B 68 40.59 16.83 13.08
CA PRO B 68 41.93 17.21 13.54
C PRO B 68 42.62 18.33 12.76
N ASN B 69 43.05 19.36 13.49
CA ASN B 69 43.73 20.51 12.89
C ASN B 69 43.08 21.04 11.63
N ALA B 70 41.74 21.12 11.66
CA ALA B 70 40.97 21.62 10.52
C ALA B 70 39.89 22.53 11.06
N ASP B 71 39.03 23.02 10.18
CA ASP B 71 37.97 23.90 10.63
C ASP B 71 36.94 23.13 11.44
N SER B 72 36.19 23.86 12.27
CA SER B 72 35.15 23.26 13.08
C SER B 72 33.85 24.04 12.87
N ALA B 73 32.75 23.33 12.71
CA ALA B 73 31.46 23.96 12.50
C ALA B 73 30.65 24.00 13.79
N THR B 74 29.99 25.12 14.05
CA THR B 74 29.16 25.26 15.24
C THR B 74 27.74 25.68 14.88
N VAL B 75 26.79 25.23 15.68
CA VAL B 75 25.41 25.57 15.45
C VAL B 75 24.74 25.60 16.83
N SER B 76 24.11 26.73 17.15
CA SER B 76 23.44 26.86 18.45
C SER B 76 22.00 27.29 18.24
N TYR B 77 21.12 26.88 19.14
CA TYR B 77 19.71 27.22 19.04
C TYR B 77 19.09 27.31 20.42
N ASP B 78 18.30 28.36 20.64
CA ASP B 78 17.62 28.59 21.92
C ASP B 78 16.35 27.76 22.02
N VAL B 79 16.29 26.90 23.03
CA VAL B 79 15.12 26.06 23.23
C VAL B 79 14.95 25.60 24.67
N ASP B 80 13.70 25.55 25.09
CA ASP B 80 13.33 25.13 26.44
C ASP B 80 12.88 23.68 26.35
N LEU B 81 13.80 22.75 26.51
CA LEU B 81 13.48 21.31 26.40
C LEU B 81 12.37 20.82 27.33
N ASP B 82 12.09 21.60 28.38
CA ASP B 82 11.03 21.24 29.32
C ASP B 82 9.72 21.20 28.56
N ASN B 83 9.55 22.14 27.64
CA ASN B 83 8.33 22.24 26.85
C ASN B 83 8.39 21.49 25.53
N VAL B 84 9.24 20.47 25.46
CA VAL B 84 9.39 19.70 24.23
C VAL B 84 9.44 18.20 24.47
N LEU B 85 10.10 17.81 25.56
CA LEU B 85 10.25 16.40 25.88
C LEU B 85 9.65 16.01 27.24
N PRO B 86 9.43 14.70 27.45
CA PRO B 86 8.88 14.14 28.69
C PRO B 86 10.07 14.09 29.64
N GLU B 87 9.87 14.30 30.94
CA GLU B 87 11.06 14.30 31.80
C GLU B 87 11.91 13.04 31.78
N TRP B 88 11.33 11.94 31.31
CA TRP B 88 12.09 10.70 31.20
C TRP B 88 12.24 10.36 29.74
N VAL B 89 13.47 10.47 29.25
CA VAL B 89 13.81 10.20 27.86
C VAL B 89 14.78 9.05 27.73
N ARG B 90 15.29 8.88 26.52
CA ARG B 90 16.28 7.85 26.20
C ARG B 90 17.14 8.50 25.09
N VAL B 91 18.45 8.48 25.28
CA VAL B 91 19.36 9.07 24.31
C VAL B 91 19.99 8.02 23.41
N GLY B 92 20.39 8.40 22.20
CA GLY B 92 20.99 7.43 21.31
C GLY B 92 21.52 8.02 20.02
N LEU B 93 22.11 7.17 19.18
CA LEU B 93 22.67 7.58 17.90
C LEU B 93 21.88 6.95 16.73
N SER B 94 21.64 7.72 15.67
CA SER B 94 20.92 7.21 14.51
C SER B 94 21.73 7.46 13.23
N ALA B 95 21.42 6.73 12.16
CA ALA B 95 22.13 6.91 10.89
C ALA B 95 21.50 6.15 9.74
N SER B 96 21.83 6.53 8.50
CA SER B 96 21.25 5.87 7.34
C SER B 96 21.93 6.14 6.01
N THR B 97 21.49 5.40 5.00
CA THR B 97 21.97 5.52 3.61
C THR B 97 20.71 5.43 2.75
N GLY B 98 20.83 5.71 1.45
CA GLY B 98 19.67 5.64 0.57
C GLY B 98 20.07 5.25 -0.83
N LEU B 99 19.99 6.20 -1.75
CA LEU B 99 20.41 5.93 -3.12
C LEU B 99 21.92 5.90 -3.06
N TYR B 100 22.47 6.77 -2.22
CA TYR B 100 23.90 6.85 -2.01
C TYR B 100 24.21 6.20 -0.69
N LYS B 101 25.48 5.90 -0.46
CA LYS B 101 25.86 5.22 0.75
C LYS B 101 27.05 5.88 1.43
N GLU B 102 27.41 5.32 2.58
CA GLU B 102 28.54 5.79 3.37
C GLU B 102 28.61 4.89 4.59
N THR B 103 29.76 4.90 5.26
CA THR B 103 29.90 4.11 6.47
C THR B 103 29.56 5.04 7.61
N ASN B 104 28.79 4.55 8.58
CA ASN B 104 28.46 5.38 9.73
C ASN B 104 29.05 4.67 10.94
N THR B 105 30.37 4.80 11.08
CA THR B 105 31.11 4.17 12.15
C THR B 105 31.37 5.03 13.40
N ILE B 106 30.83 4.60 14.53
CA ILE B 106 31.06 5.33 15.77
C ILE B 106 32.25 4.66 16.42
N LEU B 107 33.25 5.45 16.77
CA LEU B 107 34.45 4.90 17.37
C LEU B 107 34.40 4.96 18.88
N SER B 108 33.70 5.95 19.43
CA SER B 108 33.56 6.08 20.87
C SER B 108 32.34 6.94 21.16
N TRP B 109 31.80 6.81 22.36
CA TRP B 109 30.63 7.59 22.73
C TRP B 109 30.54 7.75 24.25
N SER B 110 30.19 8.95 24.69
CA SER B 110 30.04 9.20 26.10
C SER B 110 28.95 10.24 26.31
N PHE B 111 28.24 10.12 27.42
CA PHE B 111 27.15 11.01 27.75
C PHE B 111 27.20 11.35 29.24
N THR B 112 26.75 12.57 29.59
CA THR B 112 26.74 13.01 30.97
C THR B 112 25.56 13.93 31.25
N SER B 113 24.64 13.46 32.10
CA SER B 113 23.46 14.22 32.48
C SER B 113 23.52 14.48 33.97
N LYS B 114 23.14 15.69 34.38
CA LYS B 114 23.15 16.07 35.80
C LYS B 114 21.92 16.88 36.16
N LEU B 115 21.31 16.52 37.29
CA LEU B 115 20.12 17.21 37.79
C LEU B 115 20.36 17.71 39.21
N LYS B 116 20.33 19.03 39.39
CA LYS B 116 20.49 19.67 40.70
C LYS B 116 19.14 20.20 41.18
N SER B 117 18.44 19.41 41.99
CA SER B 117 17.12 19.79 42.51
C SER B 117 17.18 21.01 43.43
N ASN B 118 16.01 21.56 43.75
CA ASN B 118 15.96 22.73 44.62
C ASN B 118 16.00 22.31 46.09
N SER B 119 17.21 21.96 46.54
CA SER B 119 17.49 21.54 47.90
C SER B 119 19.01 21.55 48.00
N THR B 120 19.54 21.33 49.20
CA THR B 120 20.99 21.33 49.40
C THR B 120 21.71 20.13 48.79
N HIS B 121 22.46 20.37 47.71
CA HIS B 121 23.24 19.33 47.02
C HIS B 121 22.50 18.09 46.49
N GLU B 122 21.18 18.18 46.29
CA GLU B 122 20.43 17.03 45.79
C GLU B 122 20.69 16.78 44.31
N THR B 123 21.97 16.66 43.97
CA THR B 123 22.39 16.43 42.59
C THR B 123 22.39 14.98 42.15
N ASN B 124 21.53 14.67 41.18
CA ASN B 124 21.45 13.34 40.61
C ASN B 124 22.16 13.43 39.27
N ALA B 125 22.86 12.36 38.89
CA ALA B 125 23.62 12.38 37.65
C ALA B 125 23.84 10.98 37.11
N LEU B 126 24.09 10.91 35.80
CA LEU B 126 24.35 9.66 35.11
C LEU B 126 25.50 9.90 34.16
N HIS B 127 26.39 8.94 34.03
CA HIS B 127 27.53 9.08 33.12
C HIS B 127 28.01 7.75 32.61
N PHE B 128 28.04 7.62 31.28
CA PHE B 128 28.55 6.42 30.67
C PHE B 128 29.54 6.85 29.62
N MET B 129 30.52 5.99 29.37
CA MET B 129 31.52 6.29 28.37
C MET B 129 31.95 5.03 27.67
N PHE B 130 31.75 4.98 26.36
CA PHE B 130 32.12 3.84 25.54
C PHE B 130 33.32 4.23 24.68
N ASN B 131 34.37 3.42 24.73
CA ASN B 131 35.58 3.66 23.94
C ASN B 131 35.94 2.37 23.23
N GLN B 132 35.21 1.32 23.55
CA GLN B 132 35.41 0.00 22.97
C GLN B 132 34.01 -0.61 23.00
N PHE B 133 33.58 -1.18 21.87
CA PHE B 133 32.27 -1.79 21.79
C PHE B 133 32.38 -3.31 21.72
N SER B 134 31.84 -3.97 22.74
CA SER B 134 31.87 -5.42 22.81
C SER B 134 30.96 -6.00 21.74
N LYS B 135 31.10 -7.28 21.45
CA LYS B 135 30.25 -7.91 20.44
C LYS B 135 28.84 -8.07 20.99
N ASP B 136 28.74 -8.34 22.29
CA ASP B 136 27.46 -8.47 22.97
C ASP B 136 27.37 -7.35 24.00
N GLN B 137 26.96 -6.16 23.56
CA GLN B 137 26.85 -4.99 24.44
C GLN B 137 25.48 -4.94 25.11
N LYS B 138 25.33 -5.71 26.18
CA LYS B 138 24.06 -5.78 26.91
C LYS B 138 23.49 -4.49 27.49
N ASP B 139 24.23 -3.39 27.42
CA ASP B 139 23.70 -2.13 27.93
C ASP B 139 23.34 -1.15 26.81
N LEU B 140 23.17 -1.71 25.61
CA LEU B 140 22.78 -0.94 24.43
C LEU B 140 21.57 -1.62 23.77
N ILE B 141 20.67 -0.81 23.21
CA ILE B 141 19.50 -1.32 22.52
C ILE B 141 19.77 -1.06 21.05
N LEU B 142 20.09 -2.11 20.30
CA LEU B 142 20.37 -1.96 18.87
C LEU B 142 19.11 -2.11 18.03
N GLN B 143 18.77 -1.09 17.25
CA GLN B 143 17.59 -1.16 16.40
C GLN B 143 18.06 -1.12 14.95
N GLY B 144 17.33 -1.79 14.06
CA GLY B 144 17.70 -1.81 12.65
C GLY B 144 18.98 -2.56 12.35
N ASP B 145 19.74 -2.07 11.36
CA ASP B 145 21.00 -2.70 10.96
C ASP B 145 22.17 -2.37 11.89
N ALA B 146 21.88 -1.82 13.07
CA ALA B 146 22.93 -1.48 14.01
C ALA B 146 23.64 -2.73 14.52
N THR B 147 24.96 -2.66 14.65
CA THR B 147 25.73 -3.80 15.15
C THR B 147 27.05 -3.37 15.82
N THR B 148 27.44 -4.10 16.86
CA THR B 148 28.66 -3.78 17.59
C THR B 148 29.66 -4.91 17.50
N GLY B 149 30.95 -4.58 17.59
CA GLY B 149 31.96 -5.63 17.54
C GLY B 149 33.05 -5.49 16.50
N THR B 150 32.70 -4.97 15.32
CA THR B 150 33.67 -4.82 14.25
C THR B 150 34.81 -3.89 14.68
N ASP B 151 35.97 -4.49 14.99
CA ASP B 151 37.14 -3.74 15.42
C ASP B 151 36.90 -2.95 16.70
N GLY B 152 35.81 -3.30 17.40
CA GLY B 152 35.46 -2.62 18.64
C GLY B 152 34.73 -1.31 18.37
N ASN B 153 33.97 -1.28 17.28
CA ASN B 153 33.24 -0.08 16.89
C ASN B 153 31.76 -0.36 16.70
N LEU B 154 30.96 0.68 16.81
CA LEU B 154 29.54 0.52 16.60
C LEU B 154 29.26 0.92 15.16
N GLU B 155 28.94 -0.06 14.32
CA GLU B 155 28.63 0.17 12.91
C GLU B 155 27.12 0.36 12.87
N LEU B 156 26.67 1.59 12.63
CA LEU B 156 25.25 1.87 12.62
C LEU B 156 24.46 1.29 11.45
N THR B 157 24.94 1.53 10.23
CA THR B 157 24.26 1.04 9.03
C THR B 157 24.97 -0.18 8.48
N ARG B 158 24.35 -0.86 7.52
CA ARG B 158 24.94 -2.06 6.95
C ARG B 158 26.28 -1.87 6.25
N VAL B 159 27.30 -2.57 6.74
CA VAL B 159 28.63 -2.51 6.14
C VAL B 159 28.93 -3.92 5.61
N SER B 160 29.13 -4.02 4.31
CA SER B 160 29.39 -5.31 3.67
C SER B 160 30.57 -6.06 4.27
N SER B 161 30.65 -7.35 3.97
CA SER B 161 31.71 -8.21 4.47
C SER B 161 33.09 -7.62 4.18
N ASN B 162 33.33 -7.27 2.90
CA ASN B 162 34.61 -6.70 2.50
C ASN B 162 34.86 -5.31 3.08
N GLY B 163 33.82 -4.73 3.68
CA GLY B 163 33.99 -3.41 4.29
C GLY B 163 33.36 -2.21 3.61
N SER B 164 32.71 -2.40 2.47
CA SER B 164 32.08 -1.27 1.76
C SER B 164 30.66 -0.99 2.23
N PRO B 165 30.26 0.29 2.28
CA PRO B 165 28.92 0.69 2.72
C PRO B 165 27.82 -0.07 2.00
N GLN B 166 26.57 0.22 2.37
CA GLN B 166 25.39 -0.41 1.80
C GLN B 166 24.24 0.60 1.68
N GLY B 167 23.49 0.51 0.57
CA GLY B 167 22.38 1.43 0.39
C GLY B 167 21.13 0.98 1.13
N SER B 168 20.15 1.88 1.25
CA SER B 168 18.91 1.57 1.95
C SER B 168 19.19 0.83 3.24
N SER B 169 19.78 1.55 4.19
CA SER B 169 20.13 0.97 5.48
C SER B 169 19.78 1.97 6.58
N VAL B 170 19.27 1.48 7.71
CA VAL B 170 18.92 2.35 8.82
C VAL B 170 19.38 1.67 10.10
N GLY B 171 19.94 2.45 11.02
CA GLY B 171 20.42 1.89 12.28
C GLY B 171 20.28 2.87 13.42
N ARG B 172 20.27 2.34 14.64
CA ARG B 172 20.15 3.16 15.84
C ARG B 172 20.69 2.42 17.04
N ALA B 173 21.11 3.18 18.06
CA ALA B 173 21.63 2.62 19.30
C ALA B 173 21.20 3.53 20.43
N LEU B 174 20.50 2.99 21.41
CA LEU B 174 20.07 3.81 22.53
C LEU B 174 20.63 3.20 23.81
N PHE B 175 21.05 4.04 24.75
CA PHE B 175 21.57 3.53 26.01
C PHE B 175 20.37 2.88 26.72
N TYR B 176 20.60 1.69 27.29
CA TYR B 176 19.54 0.94 27.94
C TYR B 176 18.67 1.65 28.97
N ALA B 177 19.30 2.32 29.94
CA ALA B 177 18.56 3.00 31.00
C ALA B 177 17.98 4.35 30.64
N PRO B 178 16.74 4.63 31.08
CA PRO B 178 16.07 5.90 30.78
C PRO B 178 16.82 7.04 31.46
N VAL B 179 16.72 8.22 30.87
CA VAL B 179 17.40 9.39 31.42
C VAL B 179 16.41 10.45 31.88
N HIS B 180 16.57 10.92 33.12
CA HIS B 180 15.72 11.97 33.65
C HIS B 180 16.38 13.25 33.14
N ILE B 181 15.93 13.72 31.98
CA ILE B 181 16.47 14.91 31.33
C ILE B 181 16.06 16.24 31.98
N TRP B 182 14.92 16.26 32.68
CA TRP B 182 14.49 17.49 33.35
C TRP B 182 13.52 17.23 34.49
N GLU B 183 13.40 18.19 35.39
CA GLU B 183 12.48 18.07 36.52
C GLU B 183 11.91 19.43 36.91
N SER B 184 10.65 19.44 37.32
CA SER B 184 9.96 20.66 37.72
C SER B 184 10.72 21.53 38.73
N SER B 185 11.30 20.91 39.74
CA SER B 185 12.03 21.64 40.78
C SER B 185 13.54 21.59 40.59
N ALA B 186 14.00 21.72 39.35
CA ALA B 186 15.43 21.68 39.07
C ALA B 186 16.01 23.08 38.94
N VAL B 187 17.01 23.37 39.77
CA VAL B 187 17.68 24.68 39.75
C VAL B 187 18.58 24.75 38.53
N VAL B 188 19.23 23.62 38.23
CA VAL B 188 20.10 23.53 37.08
C VAL B 188 20.04 22.10 36.53
N ALA B 189 19.88 21.99 35.22
CA ALA B 189 19.81 20.71 34.54
C ALA B 189 20.70 20.80 33.32
N SER B 190 21.50 19.78 33.07
CA SER B 190 22.38 19.84 31.92
C SER B 190 22.95 18.50 31.48
N PHE B 191 23.41 18.48 30.24
CA PHE B 191 24.02 17.30 29.69
C PHE B 191 25.03 17.70 28.63
N GLU B 192 25.87 16.75 28.26
CA GLU B 192 26.86 16.98 27.23
C GLU B 192 27.19 15.60 26.68
N ALA B 193 27.20 15.51 25.35
CA ALA B 193 27.47 14.25 24.69
C ALA B 193 28.65 14.39 23.76
N THR B 194 29.45 13.34 23.66
CA THR B 194 30.62 13.33 22.79
C THR B 194 30.72 12.01 22.07
N PHE B 195 31.07 12.09 20.79
CA PHE B 195 31.27 10.90 20.01
C PHE B 195 32.17 11.15 18.81
N THR B 196 33.03 10.18 18.53
CA THR B 196 33.94 10.27 17.42
C THR B 196 33.39 9.34 16.33
N PHE B 197 33.35 9.84 15.11
CA PHE B 197 32.80 9.06 14.02
C PHE B 197 33.75 8.99 12.84
N LEU B 198 33.50 8.02 11.98
CA LEU B 198 34.29 7.83 10.78
C LEU B 198 33.36 7.57 9.60
N ILE B 199 33.22 8.54 8.71
CA ILE B 199 32.37 8.41 7.53
C ILE B 199 33.27 8.25 6.30
N LYS B 200 33.11 7.14 5.60
CA LYS B 200 33.90 6.84 4.40
C LYS B 200 32.95 6.47 3.26
N SER B 201 33.02 7.23 2.16
CA SER B 201 32.14 6.97 1.02
C SER B 201 32.90 6.48 -0.18
N PRO B 202 32.42 5.40 -0.81
CA PRO B 202 33.06 4.82 -1.98
C PRO B 202 32.65 5.58 -3.25
N ASP B 203 31.37 5.95 -3.30
CA ASP B 203 30.82 6.66 -4.46
C ASP B 203 31.01 8.17 -4.46
N SER B 204 30.52 8.80 -5.53
CA SER B 204 30.64 10.24 -5.74
C SER B 204 30.26 11.11 -4.55
N HIS B 205 28.97 11.13 -4.22
CA HIS B 205 28.47 11.93 -3.11
C HIS B 205 27.94 11.01 -2.04
N PRO B 206 28.42 11.16 -0.80
CA PRO B 206 27.98 10.35 0.33
C PRO B 206 26.66 10.82 0.94
N ALA B 207 25.93 9.87 1.52
CA ALA B 207 24.63 10.13 2.15
C ALA B 207 24.31 8.95 3.07
N ASP B 208 23.59 9.22 4.16
CA ASP B 208 22.81 10.44 4.32
C ASP B 208 23.16 11.21 5.59
N GLY B 209 23.89 10.54 6.49
CA GLY B 209 24.28 11.21 7.72
C GLY B 209 24.10 10.47 9.03
N ILE B 210 24.59 11.09 10.09
CA ILE B 210 24.50 10.55 11.43
C ILE B 210 23.77 11.58 12.28
N ALA B 211 23.25 11.17 13.42
CA ALA B 211 22.57 12.14 14.27
C ALA B 211 22.48 11.68 15.71
N PHE B 212 22.69 12.63 16.61
CA PHE B 212 22.59 12.34 18.01
C PHE B 212 21.14 12.76 18.33
N PHE B 213 20.38 11.91 19.01
CA PHE B 213 19.00 12.27 19.32
C PHE B 213 18.54 11.84 20.70
N ILE B 214 17.49 12.50 21.14
CA ILE B 214 16.86 12.23 22.42
C ILE B 214 15.41 11.92 22.05
N SER B 215 14.75 11.01 22.76
CA SER B 215 13.37 10.67 22.41
C SER B 215 12.60 10.04 23.54
N ASN B 216 11.32 9.75 23.30
CA ASN B 216 10.50 9.10 24.30
C ASN B 216 11.11 7.70 24.49
N ILE B 217 10.97 7.15 25.69
CA ILE B 217 11.54 5.85 26.03
C ILE B 217 11.31 4.70 25.05
N ASP B 218 10.06 4.52 24.64
CA ASP B 218 9.68 3.43 23.72
C ASP B 218 9.94 3.69 22.23
N SER B 219 10.58 4.81 21.92
CA SER B 219 10.89 5.17 20.54
C SER B 219 11.41 4.00 19.72
N SER B 220 11.13 4.03 18.42
CA SER B 220 11.56 3.00 17.48
C SER B 220 11.71 3.58 16.06
N ILE B 221 12.30 2.80 15.16
CA ILE B 221 12.55 3.23 13.78
C ILE B 221 11.28 3.35 12.92
N PRO B 222 10.86 4.59 12.59
CA PRO B 222 9.67 4.79 11.77
C PRO B 222 9.82 4.04 10.46
N SER B 223 8.72 3.82 9.75
CA SER B 223 8.77 3.12 8.47
C SER B 223 9.13 4.08 7.35
N GLY B 224 10.01 3.62 6.46
CA GLY B 224 10.43 4.47 5.35
C GLY B 224 11.22 5.65 5.87
N SER B 225 11.71 5.54 7.10
CA SER B 225 12.50 6.61 7.69
C SER B 225 13.94 6.40 7.25
N THR B 226 14.09 5.64 6.18
CA THR B 226 15.39 5.33 5.59
C THR B 226 15.84 6.49 4.72
N GLY B 227 17.13 6.53 4.38
CA GLY B 227 17.65 7.59 3.53
C GLY B 227 17.66 8.99 4.11
N ARG B 228 16.93 9.91 3.48
CA ARG B 228 16.89 11.30 3.94
C ARG B 228 16.18 11.60 5.24
N LEU B 229 15.50 10.63 5.83
CA LEU B 229 14.81 10.89 7.08
C LEU B 229 15.69 10.54 8.29
N LEU B 230 16.93 10.14 8.02
CA LEU B 230 17.91 9.81 9.06
C LEU B 230 17.40 8.88 10.14
N GLY B 231 16.55 7.92 9.75
CA GLY B 231 16.00 6.97 10.69
C GLY B 231 15.38 7.58 11.92
N LEU B 232 14.97 8.85 11.82
CA LEU B 232 14.39 9.54 12.95
C LEU B 232 12.97 10.02 12.73
N PHE B 233 12.58 10.19 11.48
CA PHE B 233 11.24 10.69 11.18
C PHE B 233 10.48 9.82 10.18
N PRO B 234 9.14 9.83 10.26
CA PRO B 234 8.27 9.05 9.36
C PRO B 234 8.01 9.78 8.04
N ASP B 235 7.94 11.10 8.09
CA ASP B 235 7.73 11.92 6.90
C ASP B 235 8.65 13.14 6.95
N ALA B 236 8.63 13.95 5.91
CA ALA B 236 9.50 15.14 5.85
C ALA B 236 8.77 16.44 6.18
N ASN B 237 7.85 16.39 7.15
CA ASN B 237 7.09 17.56 7.57
C ASN B 237 7.78 18.30 8.69
N ALA C 1 -43.17 -5.31 -48.77
CA ALA C 1 -42.52 -4.35 -49.71
C ALA C 1 -41.21 -3.81 -49.11
N ASP C 2 -40.31 -3.33 -49.96
CA ASP C 2 -39.01 -2.81 -49.53
C ASP C 2 -38.91 -1.28 -49.59
N THR C 3 -38.73 -0.66 -48.43
CA THR C 3 -38.58 0.79 -48.33
C THR C 3 -37.07 1.09 -48.32
N ILE C 4 -36.60 1.80 -49.34
CA ILE C 4 -35.18 2.12 -49.43
C ILE C 4 -34.87 3.62 -49.33
N VAL C 5 -33.68 3.90 -48.82
CA VAL C 5 -33.16 5.25 -48.70
C VAL C 5 -31.71 5.03 -49.01
N ALA C 6 -31.21 5.71 -50.03
CA ALA C 6 -29.83 5.48 -50.42
C ALA C 6 -29.06 6.67 -50.95
N VAL C 7 -27.75 6.61 -50.75
CA VAL C 7 -26.85 7.61 -51.26
C VAL C 7 -26.11 6.78 -52.30
N GLU C 8 -26.31 7.10 -53.56
CA GLU C 8 -25.70 6.34 -54.64
C GLU C 8 -24.48 7.01 -55.25
N LEU C 9 -23.49 6.19 -55.60
CA LEU C 9 -22.28 6.66 -56.27
C LEU C 9 -22.51 6.05 -57.66
N ASP C 10 -23.04 6.87 -58.56
CA ASP C 10 -23.38 6.43 -59.92
C ASP C 10 -22.31 6.78 -60.93
N THR C 11 -21.79 5.75 -61.59
CA THR C 11 -20.73 5.93 -62.56
C THR C 11 -21.12 5.95 -64.05
N TYR C 12 -22.31 5.44 -64.36
CA TYR C 12 -22.81 5.42 -65.75
C TYR C 12 -24.09 6.24 -65.87
N PRO C 13 -24.19 7.11 -66.88
CA PRO C 13 -25.36 7.97 -67.12
C PRO C 13 -26.57 7.36 -67.84
N ASN C 14 -27.50 6.77 -67.09
CA ASN C 14 -28.69 6.18 -67.70
C ASN C 14 -29.72 7.28 -67.81
N THR C 15 -29.46 8.21 -68.73
CA THR C 15 -30.33 9.34 -68.97
C THR C 15 -31.75 8.94 -69.35
N ASP C 16 -31.94 7.70 -69.77
CA ASP C 16 -33.28 7.26 -70.15
C ASP C 16 -34.17 7.12 -68.94
N ILE C 17 -33.60 7.31 -67.75
CA ILE C 17 -34.36 7.22 -66.52
C ILE C 17 -34.07 8.35 -65.54
N GLY C 18 -33.41 9.40 -65.99
CA GLY C 18 -33.15 10.52 -65.11
C GLY C 18 -31.72 10.94 -64.84
N ASP C 19 -30.77 10.01 -64.96
CA ASP C 19 -29.37 10.33 -64.69
C ASP C 19 -28.85 11.50 -65.52
N PRO C 20 -27.97 12.32 -64.93
CA PRO C 20 -27.35 13.48 -65.58
C PRO C 20 -26.38 12.93 -66.62
N SER C 21 -25.96 13.74 -67.58
CA SER C 21 -25.02 13.29 -68.60
C SER C 21 -23.61 13.14 -68.07
N TYR C 22 -23.48 12.50 -66.91
CA TYR C 22 -22.17 12.30 -66.31
C TYR C 22 -22.25 11.52 -65.02
N PRO C 23 -21.09 11.04 -64.54
CA PRO C 23 -21.08 10.29 -63.28
C PRO C 23 -21.60 11.25 -62.20
N HIS C 24 -22.23 10.72 -61.17
CA HIS C 24 -22.76 11.60 -60.13
C HIS C 24 -23.06 10.87 -58.84
N ILE C 25 -23.34 11.65 -57.80
CA ILE C 25 -23.73 11.08 -56.52
C ILE C 25 -25.13 11.61 -56.29
N GLY C 26 -25.99 10.81 -55.68
CA GLY C 26 -27.35 11.28 -55.46
C GLY C 26 -28.00 10.72 -54.23
N ILE C 27 -29.18 11.22 -53.94
CA ILE C 27 -29.91 10.78 -52.80
C ILE C 27 -31.24 10.21 -53.24
N ASP C 28 -31.36 8.89 -53.12
CA ASP C 28 -32.55 8.19 -53.51
C ASP C 28 -33.46 7.99 -52.34
N ILE C 29 -34.73 8.36 -52.51
CA ILE C 29 -35.72 8.20 -51.46
C ILE C 29 -36.80 7.34 -52.08
N LYS C 30 -36.69 6.03 -51.87
CA LYS C 30 -37.64 5.05 -52.39
C LYS C 30 -37.77 5.03 -53.90
N SER C 31 -36.77 5.55 -54.61
CA SER C 31 -36.79 5.57 -56.06
C SER C 31 -35.39 5.76 -56.69
N VAL C 32 -35.09 4.96 -57.71
CA VAL C 32 -33.78 5.05 -58.35
C VAL C 32 -33.59 6.43 -59.00
N ARG C 33 -34.69 7.18 -59.13
CA ARG C 33 -34.63 8.51 -59.71
C ARG C 33 -34.35 9.51 -58.60
N SER C 34 -33.05 9.70 -58.32
CA SER C 34 -32.59 10.60 -57.27
C SER C 34 -33.44 11.84 -57.06
N LYS C 35 -33.47 12.30 -55.81
CA LYS C 35 -34.19 13.51 -55.46
C LYS C 35 -33.23 14.66 -55.72
N LYS C 36 -31.95 14.43 -55.42
CA LYS C 36 -30.91 15.42 -55.61
C LYS C 36 -29.63 14.76 -56.11
N THR C 37 -28.98 15.34 -57.12
CA THR C 37 -27.73 14.79 -57.61
C THR C 37 -26.65 15.86 -57.59
N ALA C 38 -25.46 15.49 -58.05
CA ALA C 38 -24.33 16.41 -58.09
C ALA C 38 -23.23 15.76 -58.90
N LYS C 39 -22.65 16.51 -59.83
CA LYS C 39 -21.58 16.00 -60.66
C LYS C 39 -20.45 15.47 -59.78
N TRP C 40 -19.83 14.38 -60.22
CA TRP C 40 -18.75 13.74 -59.46
C TRP C 40 -17.65 13.28 -60.39
N ASN C 41 -16.47 13.89 -60.26
CA ASN C 41 -15.35 13.54 -61.11
C ASN C 41 -14.68 12.28 -60.62
N MET C 42 -15.32 11.16 -60.92
CA MET C 42 -14.85 9.83 -60.57
C MET C 42 -13.48 9.57 -61.16
N GLN C 43 -12.63 8.88 -60.41
CA GLN C 43 -11.28 8.59 -60.88
C GLN C 43 -10.97 7.10 -60.97
N ASN C 44 -11.34 6.51 -62.10
CA ASN C 44 -11.10 5.09 -62.32
C ASN C 44 -9.71 4.72 -61.86
N GLY C 45 -9.63 3.76 -60.95
CA GLY C 45 -8.34 3.30 -60.46
C GLY C 45 -7.88 3.80 -59.10
N LYS C 46 -8.30 5.00 -58.70
CA LYS C 46 -7.91 5.57 -57.42
C LYS C 46 -8.82 5.14 -56.28
N VAL C 47 -8.29 5.18 -55.05
CA VAL C 47 -9.07 4.82 -53.86
C VAL C 47 -9.70 6.09 -53.29
N GLY C 48 -11.03 6.10 -53.16
CA GLY C 48 -11.71 7.28 -52.64
C GLY C 48 -12.52 7.07 -51.38
N THR C 49 -12.97 8.16 -50.76
CA THR C 49 -13.76 8.11 -49.52
C THR C 49 -15.17 8.70 -49.70
N ALA C 50 -16.10 8.24 -48.87
CA ALA C 50 -17.48 8.70 -48.88
C ALA C 50 -17.94 8.90 -47.45
N HIS C 51 -18.62 10.01 -47.20
CA HIS C 51 -19.12 10.35 -45.87
C HIS C 51 -20.60 10.72 -45.94
N ILE C 52 -21.47 9.89 -45.38
CA ILE C 52 -22.91 10.20 -45.38
C ILE C 52 -23.23 10.74 -43.98
N ILE C 53 -24.03 11.82 -43.91
CA ILE C 53 -24.41 12.50 -42.65
C ILE C 53 -25.91 12.73 -42.47
N TYR C 54 -26.36 12.66 -41.21
CA TYR C 54 -27.75 12.91 -40.86
C TYR C 54 -27.97 13.18 -39.36
N ASN C 55 -28.93 14.06 -39.07
CA ASN C 55 -29.32 14.38 -37.69
C ASN C 55 -30.75 14.90 -37.74
N SER C 56 -31.54 14.53 -36.74
CA SER C 56 -32.95 14.90 -36.69
C SER C 56 -33.24 16.34 -36.31
N VAL C 57 -32.23 17.10 -35.92
CA VAL C 57 -32.51 18.50 -35.59
C VAL C 57 -32.69 19.28 -36.88
N ASP C 58 -31.77 19.10 -37.83
CA ASP C 58 -31.80 19.80 -39.15
C ASP C 58 -32.60 18.97 -40.18
N LYS C 59 -32.81 17.70 -39.91
CA LYS C 59 -33.49 16.81 -40.86
C LYS C 59 -32.92 16.97 -42.26
N ARG C 60 -31.59 16.98 -42.35
CA ARG C 60 -30.90 17.11 -43.63
C ARG C 60 -29.92 15.93 -43.81
N LEU C 61 -29.99 15.28 -44.96
CA LEU C 61 -29.12 14.15 -45.27
C LEU C 61 -28.08 14.63 -46.27
N SER C 62 -26.81 14.65 -45.87
CA SER C 62 -25.73 15.12 -46.73
C SER C 62 -24.70 14.04 -47.06
N ALA C 63 -23.89 14.28 -48.09
CA ALA C 63 -22.90 13.31 -48.49
C ALA C 63 -21.69 13.99 -49.12
N VAL C 64 -20.52 13.37 -48.95
CA VAL C 64 -19.31 13.91 -49.52
C VAL C 64 -18.51 12.74 -50.07
N VAL C 65 -18.04 12.86 -51.31
CA VAL C 65 -17.24 11.80 -51.91
C VAL C 65 -15.99 12.52 -52.35
N SER C 66 -14.82 11.91 -52.16
CA SER C 66 -13.61 12.58 -52.56
C SER C 66 -12.46 11.65 -52.78
N TYR C 67 -11.39 12.19 -53.35
CA TYR C 67 -10.17 11.47 -53.62
C TYR C 67 -9.05 12.33 -53.06
N PRO C 68 -7.98 11.70 -52.54
CA PRO C 68 -6.88 12.48 -51.99
C PRO C 68 -6.44 13.61 -52.91
N ASN C 69 -6.20 14.78 -52.33
CA ASN C 69 -5.75 15.94 -53.11
C ASN C 69 -6.50 16.03 -54.42
N ALA C 70 -7.80 16.27 -54.32
CA ALA C 70 -8.66 16.40 -55.49
C ALA C 70 -10.00 16.96 -55.07
N ASP C 71 -10.82 17.29 -56.05
CA ASP C 71 -12.14 17.86 -55.80
C ASP C 71 -13.06 16.89 -55.04
N SER C 72 -13.92 17.44 -54.20
CA SER C 72 -14.85 16.61 -53.45
C SER C 72 -16.27 16.94 -53.91
N ALA C 73 -17.13 15.93 -53.94
CA ALA C 73 -18.51 16.13 -54.35
C ALA C 73 -19.39 16.18 -53.12
N THR C 74 -20.36 17.07 -53.16
CA THR C 74 -21.27 17.26 -52.05
C THR C 74 -22.69 17.35 -52.51
N VAL C 75 -23.59 16.68 -51.81
CA VAL C 75 -25.00 16.71 -52.16
C VAL C 75 -25.77 16.62 -50.84
N SER C 76 -26.82 17.42 -50.70
CA SER C 76 -27.62 17.41 -49.49
C SER C 76 -29.08 17.37 -49.86
N TYR C 77 -29.93 16.99 -48.92
CA TYR C 77 -31.35 16.94 -49.17
C TYR C 77 -32.13 16.92 -47.87
N ASP C 78 -33.06 17.86 -47.73
CA ASP C 78 -33.87 17.94 -46.54
C ASP C 78 -34.87 16.79 -46.55
N VAL C 79 -34.86 15.99 -45.50
CA VAL C 79 -35.77 14.86 -45.41
C VAL C 79 -35.95 14.35 -43.98
N ASP C 80 -37.20 14.15 -43.60
CA ASP C 80 -37.54 13.66 -42.27
C ASP C 80 -37.69 12.15 -42.40
N LEU C 81 -36.62 11.43 -42.10
CA LEU C 81 -36.62 9.97 -42.19
C LEU C 81 -37.72 9.33 -41.37
N ASP C 82 -38.20 10.04 -40.35
CA ASP C 82 -39.27 9.54 -39.49
C ASP C 82 -40.52 9.15 -40.31
N ASN C 83 -40.82 9.97 -41.31
CA ASN C 83 -41.97 9.75 -42.18
C ASN C 83 -41.67 8.86 -43.36
N VAL C 84 -40.46 8.32 -43.45
CA VAL C 84 -40.09 7.49 -44.59
C VAL C 84 -39.68 6.05 -44.26
N LEU C 85 -39.03 5.88 -43.12
CA LEU C 85 -38.55 4.58 -42.71
C LEU C 85 -39.20 4.15 -41.42
N PRO C 86 -39.12 2.84 -41.12
CA PRO C 86 -39.66 2.25 -39.90
C PRO C 86 -38.65 2.61 -38.82
N GLU C 87 -39.00 2.51 -37.53
CA GLU C 87 -37.97 2.90 -36.58
C GLU C 87 -36.85 1.89 -36.43
N TRP C 88 -37.08 0.67 -36.92
CA TRP C 88 -36.03 -0.35 -36.90
C TRP C 88 -35.71 -0.65 -38.36
N VAL C 89 -34.43 -0.56 -38.71
CA VAL C 89 -33.97 -0.78 -40.07
C VAL C 89 -32.60 -1.49 -40.08
N ARG C 90 -32.12 -1.81 -41.27
CA ARG C 90 -30.82 -2.45 -41.40
C ARG C 90 -30.04 -1.56 -42.34
N VAL C 91 -28.74 -1.42 -42.13
CA VAL C 91 -27.90 -0.58 -42.97
C VAL C 91 -27.03 -1.50 -43.79
N GLY C 92 -26.52 -1.01 -44.92
CA GLY C 92 -25.68 -1.86 -45.74
C GLY C 92 -25.19 -1.18 -46.99
N LEU C 93 -24.39 -1.92 -47.75
CA LEU C 93 -23.82 -1.45 -48.99
C LEU C 93 -24.29 -2.32 -50.15
N SER C 94 -24.62 -1.67 -51.27
CA SER C 94 -25.08 -2.36 -52.48
C SER C 94 -24.20 -1.97 -53.66
N ALA C 95 -24.22 -2.76 -54.73
CA ALA C 95 -23.42 -2.45 -55.93
C ALA C 95 -23.83 -3.37 -57.09
N SER C 96 -23.51 -2.96 -58.32
CA SER C 96 -23.89 -3.76 -59.47
C SER C 96 -23.18 -3.39 -60.76
N THR C 97 -23.26 -4.29 -61.73
CA THR C 97 -22.67 -4.07 -63.06
C THR C 97 -23.76 -4.52 -64.03
N GLY C 98 -23.64 -4.12 -65.29
CA GLY C 98 -24.62 -4.49 -66.30
C GLY C 98 -23.90 -4.90 -67.56
N LEU C 99 -24.16 -4.20 -68.66
CA LEU C 99 -23.46 -4.52 -69.90
C LEU C 99 -22.02 -4.13 -69.64
N TYR C 100 -21.85 -3.01 -68.93
CA TYR C 100 -20.54 -2.51 -68.59
C TYR C 100 -20.18 -2.97 -67.16
N LYS C 101 -18.90 -3.07 -66.87
CA LYS C 101 -18.49 -3.54 -65.55
C LYS C 101 -17.43 -2.67 -64.88
N GLU C 102 -17.27 -2.91 -63.58
CA GLU C 102 -16.28 -2.21 -62.75
C GLU C 102 -16.06 -3.08 -61.54
N THR C 103 -15.07 -2.72 -60.73
CA THR C 103 -14.83 -3.44 -59.50
C THR C 103 -15.61 -2.61 -58.50
N ASN C 104 -16.20 -3.25 -57.49
CA ASN C 104 -16.96 -2.54 -56.46
C ASN C 104 -16.39 -2.95 -55.11
N THR C 105 -15.09 -2.67 -54.95
CA THR C 105 -14.35 -3.03 -53.76
C THR C 105 -14.47 -2.05 -52.61
N ILE C 106 -14.74 -2.60 -51.42
CA ILE C 106 -14.85 -1.78 -50.23
C ILE C 106 -13.67 -2.15 -49.35
N LEU C 107 -12.83 -1.17 -49.05
CA LEU C 107 -11.66 -1.43 -48.23
C LEU C 107 -11.90 -1.20 -46.75
N SER C 108 -12.94 -0.46 -46.41
CA SER C 108 -13.27 -0.23 -45.02
C SER C 108 -14.65 0.42 -44.94
N TRP C 109 -15.33 0.25 -43.82
CA TRP C 109 -16.66 0.79 -43.63
C TRP C 109 -16.93 0.90 -42.14
N SER C 110 -17.48 2.02 -41.72
CA SER C 110 -17.78 2.24 -40.32
C SER C 110 -19.10 2.99 -40.20
N PHE C 111 -19.84 2.72 -39.14
CA PHE C 111 -21.13 3.35 -38.94
C PHE C 111 -21.31 3.70 -37.46
N THR C 112 -22.07 4.77 -37.20
CA THR C 112 -22.33 5.18 -35.82
C THR C 112 -23.73 5.78 -35.71
N SER C 113 -24.54 5.18 -34.84
CA SER C 113 -25.91 5.64 -34.63
C SER C 113 -26.07 6.07 -33.16
N LYS C 114 -26.81 7.14 -32.94
CA LYS C 114 -27.04 7.63 -31.58
C LYS C 114 -28.47 8.11 -31.40
N LEU C 115 -29.03 7.80 -30.23
CA LEU C 115 -30.38 8.21 -29.87
C LEU C 115 -30.35 8.80 -28.49
N LYS C 116 -30.55 10.10 -28.40
CA LYS C 116 -30.59 10.79 -27.12
C LYS C 116 -32.06 10.97 -26.76
N SER C 117 -32.66 9.96 -26.13
CA SER C 117 -34.06 10.02 -25.73
C SER C 117 -34.27 11.04 -24.62
N ASN C 118 -35.43 11.70 -24.64
CA ASN C 118 -35.76 12.71 -23.65
C ASN C 118 -35.55 12.23 -22.22
N SER C 119 -34.32 12.35 -21.75
CA SER C 119 -33.92 11.95 -20.40
C SER C 119 -32.50 12.44 -20.13
N THR C 120 -32.22 12.79 -18.87
CA THR C 120 -30.89 13.27 -18.50
C THR C 120 -29.95 12.07 -18.27
N HIS C 121 -28.88 12.03 -19.06
CA HIS C 121 -27.86 10.97 -19.01
C HIS C 121 -28.31 9.66 -19.67
N GLU C 122 -29.33 9.74 -20.53
CA GLU C 122 -29.87 8.57 -21.21
C GLU C 122 -29.70 8.65 -22.73
N THR C 123 -28.79 7.84 -23.26
CA THR C 123 -28.52 7.80 -24.70
C THR C 123 -28.16 6.39 -25.14
N ASN C 124 -28.78 5.92 -26.21
CA ASN C 124 -28.44 4.60 -26.73
C ASN C 124 -27.59 4.83 -27.99
N ALA C 125 -26.56 4.01 -28.16
CA ALA C 125 -25.70 4.15 -29.33
C ALA C 125 -25.19 2.83 -29.88
N LEU C 126 -24.93 2.81 -31.18
CA LEU C 126 -24.41 1.63 -31.86
C LEU C 126 -23.21 2.04 -32.71
N HIS C 127 -22.13 1.28 -32.64
CA HIS C 127 -20.97 1.61 -33.43
C HIS C 127 -20.22 0.39 -33.97
N PHE C 128 -19.92 0.38 -35.26
CA PHE C 128 -19.15 -0.71 -35.82
C PHE C 128 -18.15 -0.12 -36.81
N MET C 129 -16.99 -0.76 -36.88
CA MET C 129 -15.90 -0.30 -37.74
C MET C 129 -15.18 -1.52 -38.33
N PHE C 130 -15.11 -1.58 -39.66
CA PHE C 130 -14.44 -2.67 -40.34
C PHE C 130 -13.27 -2.10 -41.12
N ASN C 131 -12.07 -2.55 -40.82
CA ASN C 131 -10.89 -2.07 -41.55
C ASN C 131 -10.29 -3.23 -42.30
N GLN C 132 -10.73 -4.43 -41.93
CA GLN C 132 -10.22 -5.65 -42.53
C GLN C 132 -11.41 -6.60 -42.53
N PHE C 133 -11.70 -7.20 -43.67
CA PHE C 133 -12.82 -8.14 -43.75
C PHE C 133 -12.30 -9.57 -43.73
N SER C 134 -12.90 -10.40 -42.90
CA SER C 134 -12.51 -11.81 -42.78
C SER C 134 -13.22 -12.65 -43.85
N LYS C 135 -12.80 -13.89 -43.99
CA LYS C 135 -13.44 -14.76 -44.99
C LYS C 135 -14.79 -15.18 -44.43
N ASP C 136 -14.80 -15.64 -43.18
CA ASP C 136 -16.04 -16.03 -42.52
C ASP C 136 -16.45 -14.85 -41.63
N GLN C 137 -17.04 -13.83 -42.25
CA GLN C 137 -17.46 -12.61 -41.55
C GLN C 137 -18.88 -12.81 -41.02
N LYS C 138 -19.01 -13.37 -39.83
CA LYS C 138 -20.32 -13.65 -39.23
C LYS C 138 -21.21 -12.50 -38.81
N ASP C 139 -20.70 -11.27 -38.78
CA ASP C 139 -21.53 -10.13 -38.41
C ASP C 139 -22.08 -9.37 -39.62
N LEU C 140 -21.84 -9.91 -40.82
CA LEU C 140 -22.35 -9.33 -42.06
C LEU C 140 -23.28 -10.30 -42.77
N ILE C 141 -24.26 -9.75 -43.47
CA ILE C 141 -25.21 -10.55 -44.23
C ILE C 141 -24.85 -10.28 -45.69
N LEU C 142 -24.32 -11.28 -46.35
CA LEU C 142 -23.93 -11.15 -47.74
C LEU C 142 -25.03 -11.72 -48.65
N GLN C 143 -25.44 -10.94 -49.65
CA GLN C 143 -26.47 -11.36 -50.59
C GLN C 143 -25.90 -11.24 -52.00
N GLY C 144 -26.53 -11.89 -52.97
CA GLY C 144 -26.03 -11.81 -54.33
C GLY C 144 -24.59 -12.30 -54.42
N ASP C 145 -23.78 -11.63 -55.25
CA ASP C 145 -22.39 -12.03 -55.44
C ASP C 145 -21.37 -11.45 -54.46
N ALA C 146 -21.85 -10.81 -53.40
CA ALA C 146 -20.96 -10.21 -52.41
C ALA C 146 -20.04 -11.26 -51.76
N THR C 147 -18.75 -10.95 -51.68
CA THR C 147 -17.80 -11.88 -51.07
C THR C 147 -16.74 -11.16 -50.24
N THR C 148 -16.25 -11.81 -49.19
CA THR C 148 -15.23 -11.22 -48.33
C THR C 148 -14.00 -12.12 -48.24
N GLY C 149 -12.94 -11.59 -47.63
CA GLY C 149 -11.72 -12.36 -47.45
C GLY C 149 -10.67 -12.13 -48.52
N THR C 150 -11.08 -11.56 -49.65
CA THR C 150 -10.18 -11.29 -50.76
C THR C 150 -9.32 -10.06 -50.45
N ASP C 151 -8.15 -10.28 -49.85
CA ASP C 151 -7.25 -9.18 -49.48
C ASP C 151 -7.78 -8.45 -48.24
N GLY C 152 -8.78 -9.02 -47.59
CA GLY C 152 -9.37 -8.38 -46.44
C GLY C 152 -10.27 -7.25 -46.88
N ASN C 153 -10.90 -7.44 -48.04
CA ASN C 153 -11.82 -6.45 -48.63
C ASN C 153 -13.18 -7.06 -48.97
N LEU C 154 -14.20 -6.22 -49.02
CA LEU C 154 -15.55 -6.66 -49.39
C LEU C 154 -15.70 -6.40 -50.88
N GLU C 155 -16.02 -7.45 -51.64
CA GLU C 155 -16.19 -7.33 -53.10
C GLU C 155 -17.69 -7.45 -53.39
N LEU C 156 -18.39 -6.33 -53.38
CA LEU C 156 -19.83 -6.35 -53.61
C LEU C 156 -20.27 -7.10 -54.87
N THR C 157 -19.60 -6.88 -56.00
CA THR C 157 -19.96 -7.56 -57.24
C THR C 157 -18.90 -8.58 -57.68
N ARG C 158 -19.23 -9.39 -58.68
CA ARG C 158 -18.31 -10.41 -59.18
C ARG C 158 -17.02 -9.88 -59.78
N VAL C 159 -15.96 -10.64 -59.54
CA VAL C 159 -14.63 -10.34 -60.02
C VAL C 159 -13.95 -11.66 -60.35
N SER C 160 -13.37 -11.74 -61.54
CA SER C 160 -12.69 -12.94 -62.01
C SER C 160 -11.52 -13.34 -61.12
N SER C 161 -10.96 -14.50 -61.42
CA SER C 161 -9.83 -15.04 -60.68
C SER C 161 -8.62 -14.13 -60.88
N ASN C 162 -8.45 -13.66 -62.11
CA ASN C 162 -7.34 -12.80 -62.48
C ASN C 162 -7.56 -11.36 -62.01
N GLY C 163 -8.69 -11.11 -61.37
CA GLY C 163 -8.97 -9.78 -60.85
C GLY C 163 -9.83 -8.83 -61.69
N SER C 164 -10.21 -9.21 -62.91
CA SER C 164 -11.03 -8.30 -63.71
C SER C 164 -12.51 -8.50 -63.35
N PRO C 165 -13.29 -7.41 -63.33
CA PRO C 165 -14.72 -7.47 -62.99
C PRO C 165 -15.58 -8.25 -63.98
N GLN C 166 -16.82 -8.49 -63.62
CA GLN C 166 -17.75 -9.22 -64.46
C GLN C 166 -19.06 -8.43 -64.55
N GLY C 167 -19.73 -8.52 -65.70
CA GLY C 167 -20.98 -7.82 -65.88
C GLY C 167 -22.18 -8.60 -65.38
N SER C 168 -23.36 -7.96 -65.39
CA SER C 168 -24.59 -8.59 -64.94
C SER C 168 -24.39 -9.24 -63.59
N SER C 169 -23.91 -8.44 -62.65
CA SER C 169 -23.67 -8.90 -61.28
C SER C 169 -24.37 -7.97 -60.31
N VAL C 170 -24.72 -8.49 -59.15
CA VAL C 170 -25.39 -7.68 -58.13
C VAL C 170 -25.00 -8.24 -56.80
N GLY C 171 -24.80 -7.38 -55.82
CA GLY C 171 -24.45 -7.87 -54.50
C GLY C 171 -24.58 -6.78 -53.46
N ARG C 172 -25.07 -7.18 -52.29
CA ARG C 172 -25.22 -6.26 -51.16
C ARG C 172 -24.49 -6.85 -49.97
N ALA C 173 -24.39 -6.05 -48.91
CA ALA C 173 -23.76 -6.46 -47.65
C ALA C 173 -24.43 -5.63 -46.56
N LEU C 174 -25.17 -6.28 -45.67
CA LEU C 174 -25.86 -5.59 -44.57
C LEU C 174 -25.29 -5.99 -43.20
N PHE C 175 -25.22 -5.05 -42.27
CA PHE C 175 -24.72 -5.39 -40.94
C PHE C 175 -25.79 -6.26 -40.25
N TYR C 176 -25.34 -7.33 -39.60
CA TYR C 176 -26.25 -8.27 -38.94
C TYR C 176 -27.38 -7.65 -38.10
N ALA C 177 -27.01 -7.10 -36.95
CA ALA C 177 -27.97 -6.50 -36.02
C ALA C 177 -28.78 -5.32 -36.53
N PRO C 178 -30.08 -5.28 -36.21
CA PRO C 178 -31.00 -4.20 -36.62
C PRO C 178 -30.56 -2.89 -36.00
N VAL C 179 -31.05 -1.78 -36.55
CA VAL C 179 -30.68 -0.46 -36.03
C VAL C 179 -31.90 0.41 -35.77
N HIS C 180 -31.96 1.00 -34.57
CA HIS C 180 -33.06 1.88 -34.19
C HIS C 180 -32.68 3.23 -34.75
N ILE C 181 -33.27 3.57 -35.89
CA ILE C 181 -32.95 4.80 -36.58
C ILE C 181 -33.66 6.05 -36.08
N TRP C 182 -34.75 5.89 -35.36
CA TRP C 182 -35.47 7.05 -34.83
C TRP C 182 -36.45 6.59 -33.78
N GLU C 183 -37.06 7.53 -33.08
CA GLU C 183 -38.06 7.17 -32.08
C GLU C 183 -38.87 8.37 -31.66
N SER C 184 -40.15 8.14 -31.38
CA SER C 184 -41.08 9.19 -31.00
C SER C 184 -40.65 10.08 -29.83
N SER C 185 -40.02 9.49 -28.82
CA SER C 185 -39.58 10.23 -27.63
C SER C 185 -38.09 10.58 -27.60
N ALA C 186 -37.50 10.76 -28.79
CA ALA C 186 -36.08 11.09 -28.89
C ALA C 186 -35.86 12.58 -29.12
N VAL C 187 -34.92 13.16 -28.40
CA VAL C 187 -34.60 14.58 -28.53
C VAL C 187 -33.72 14.78 -29.75
N VAL C 188 -32.66 13.98 -29.84
CA VAL C 188 -31.76 14.07 -30.96
C VAL C 188 -31.38 12.66 -31.40
N ALA C 189 -31.43 12.43 -32.72
CA ALA C 189 -31.08 11.14 -33.31
C ALA C 189 -30.22 11.46 -34.51
N SER C 190 -29.03 10.89 -34.58
CA SER C 190 -28.14 11.14 -35.72
C SER C 190 -27.30 9.92 -36.05
N PHE C 191 -26.72 9.92 -37.23
CA PHE C 191 -25.89 8.81 -37.67
C PHE C 191 -24.91 9.27 -38.75
N GLU C 192 -23.70 8.72 -38.73
CA GLU C 192 -22.70 9.04 -39.73
C GLU C 192 -22.11 7.74 -40.24
N ALA C 193 -21.96 7.64 -41.56
CA ALA C 193 -21.43 6.43 -42.18
C ALA C 193 -20.22 6.78 -43.01
N THR C 194 -19.22 5.90 -42.99
CA THR C 194 -17.99 6.11 -43.74
C THR C 194 -17.51 4.82 -44.36
N PHE C 195 -17.00 4.91 -45.58
CA PHE C 195 -16.44 3.76 -46.26
C PHE C 195 -15.50 4.24 -47.35
N THR C 196 -14.60 3.37 -47.80
CA THR C 196 -13.66 3.71 -48.85
C THR C 196 -13.76 2.66 -49.94
N PHE C 197 -14.00 3.12 -51.15
CA PHE C 197 -14.18 2.24 -52.28
C PHE C 197 -13.06 2.39 -53.29
N LEU C 198 -12.90 1.37 -54.11
CA LEU C 198 -11.91 1.34 -55.19
C LEU C 198 -12.65 0.83 -56.41
N ILE C 199 -12.94 1.73 -57.37
CA ILE C 199 -13.63 1.32 -58.59
C ILE C 199 -12.68 1.31 -59.77
N LYS C 200 -12.25 0.12 -60.18
CA LYS C 200 -11.35 -0.01 -61.32
C LYS C 200 -12.18 -0.50 -62.50
N SER C 201 -11.77 -0.16 -63.71
CA SER C 201 -12.50 -0.61 -64.88
C SER C 201 -11.58 -0.83 -66.07
N PRO C 202 -11.83 -1.90 -66.83
CA PRO C 202 -11.00 -2.20 -68.00
C PRO C 202 -11.60 -1.66 -69.32
N ASP C 203 -12.89 -1.92 -69.54
CA ASP C 203 -13.58 -1.48 -70.76
C ASP C 203 -13.76 0.04 -70.90
N SER C 204 -14.41 0.44 -71.98
CA SER C 204 -14.65 1.85 -72.28
C SER C 204 -15.14 2.69 -71.10
N HIS C 205 -16.42 2.53 -70.76
CA HIS C 205 -17.03 3.28 -69.66
C HIS C 205 -17.46 2.34 -68.54
N PRO C 206 -17.21 2.72 -67.28
CA PRO C 206 -17.58 1.89 -66.12
C PRO C 206 -19.05 1.99 -65.72
N ALA C 207 -19.55 0.94 -65.07
CA ALA C 207 -20.94 0.90 -64.58
C ALA C 207 -21.08 -0.28 -63.59
N ASP C 208 -21.96 -0.16 -62.60
CA ASP C 208 -23.05 0.82 -62.61
C ASP C 208 -23.01 1.67 -61.34
N GLY C 209 -22.17 1.27 -60.38
CA GLY C 209 -22.05 2.04 -59.15
C GLY C 209 -22.16 1.28 -57.83
N ILE C 210 -21.86 2.01 -56.75
CA ILE C 210 -21.93 1.48 -55.39
C ILE C 210 -22.95 2.36 -54.70
N ALA C 211 -23.59 1.86 -53.65
CA ALA C 211 -24.58 2.67 -52.95
C ALA C 211 -24.72 2.29 -51.50
N PHE C 212 -24.86 3.30 -50.64
CA PHE C 212 -25.04 3.07 -49.21
C PHE C 212 -26.54 3.18 -49.00
N PHE C 213 -27.18 2.13 -48.50
CA PHE C 213 -28.60 2.17 -48.29
C PHE C 213 -29.09 1.81 -46.89
N ILE C 214 -30.32 2.22 -46.61
CA ILE C 214 -30.99 1.92 -45.36
C ILE C 214 -32.33 1.35 -45.78
N SER C 215 -32.79 0.28 -45.14
CA SER C 215 -34.05 -0.35 -45.52
C SER C 215 -34.65 -1.22 -44.42
N ASN C 216 -35.79 -1.82 -44.72
CA ASN C 216 -36.45 -2.72 -43.78
C ASN C 216 -35.53 -3.90 -43.50
N ILE C 217 -35.61 -4.42 -42.28
CA ILE C 217 -34.76 -5.51 -41.85
C ILE C 217 -34.73 -6.73 -42.77
N ASP C 218 -35.89 -7.13 -43.28
CA ASP C 218 -35.97 -8.30 -44.16
C ASP C 218 -35.70 -7.99 -45.63
N SER C 219 -35.12 -6.83 -45.92
CA SER C 219 -34.84 -6.44 -47.30
C SER C 219 -33.96 -7.46 -47.99
N SER C 220 -34.07 -7.52 -49.31
CA SER C 220 -33.28 -8.42 -50.17
C SER C 220 -33.34 -7.97 -51.64
N ILE C 221 -32.32 -8.34 -52.41
CA ILE C 221 -32.20 -7.97 -53.82
C ILE C 221 -33.42 -8.30 -54.67
N PRO C 222 -34.04 -7.28 -55.28
CA PRO C 222 -35.22 -7.53 -56.12
C PRO C 222 -34.69 -8.22 -57.37
N SER C 223 -35.51 -9.08 -57.98
CA SER C 223 -35.06 -9.79 -59.17
C SER C 223 -34.84 -8.88 -60.37
N GLY C 224 -33.72 -9.10 -61.07
CA GLY C 224 -33.40 -8.31 -62.24
C GLY C 224 -32.92 -6.91 -61.92
N SER C 225 -32.65 -6.62 -60.65
CA SER C 225 -32.19 -5.30 -60.24
C SER C 225 -30.68 -5.20 -60.47
N THR C 226 -30.25 -5.72 -61.61
CA THR C 226 -28.85 -5.71 -61.97
C THR C 226 -28.65 -4.38 -62.71
N GLY C 227 -27.46 -4.15 -63.25
CA GLY C 227 -27.20 -2.92 -63.97
C GLY C 227 -27.59 -1.59 -63.33
N ARG C 228 -28.36 -0.78 -64.08
CA ARG C 228 -28.76 0.56 -63.62
C ARG C 228 -29.70 0.65 -62.43
N LEU C 229 -30.17 -0.49 -61.93
CA LEU C 229 -31.05 -0.47 -60.77
C LEU C 229 -30.27 -0.57 -59.46
N LEU C 230 -28.94 -0.63 -59.57
CA LEU C 230 -28.05 -0.68 -58.39
C LEU C 230 -28.32 -1.79 -57.38
N GLY C 231 -29.15 -2.76 -57.75
CA GLY C 231 -29.46 -3.83 -56.82
C GLY C 231 -30.32 -3.34 -55.69
N LEU C 232 -30.93 -2.18 -55.87
CA LEU C 232 -31.80 -1.59 -54.85
C LEU C 232 -33.26 -1.59 -55.25
N PHE C 233 -33.55 -1.17 -56.47
CA PHE C 233 -34.92 -1.09 -56.94
C PHE C 233 -35.34 -2.16 -57.94
N PRO C 234 -36.63 -2.51 -57.97
CA PRO C 234 -37.21 -3.52 -58.85
C PRO C 234 -37.57 -2.96 -60.22
N ASP C 235 -37.71 -1.64 -60.30
CA ASP C 235 -38.02 -0.97 -61.55
C ASP C 235 -37.43 0.43 -61.51
N ALA C 236 -37.68 1.24 -62.55
CA ALA C 236 -37.12 2.60 -62.59
C ALA C 236 -38.15 3.69 -62.37
N ASN C 237 -39.20 3.38 -61.62
CA ASN C 237 -40.24 4.35 -61.32
C ASN C 237 -39.83 5.21 -60.12
N ALA D 1 -22.76 -29.32 -25.69
CA ALA D 1 -23.05 -28.20 -24.76
C ALA D 1 -22.42 -26.91 -25.25
N ASP D 2 -22.69 -25.81 -24.55
CA ASP D 2 -22.17 -24.50 -24.91
C ASP D 2 -20.92 -24.18 -24.12
N THR D 3 -20.01 -23.43 -24.73
CA THR D 3 -18.81 -23.02 -24.02
C THR D 3 -19.25 -21.73 -23.33
N ILE D 4 -19.04 -21.67 -22.03
CA ILE D 4 -19.46 -20.52 -21.26
C ILE D 4 -18.34 -19.93 -20.42
N VAL D 5 -18.22 -18.61 -20.48
CA VAL D 5 -17.25 -17.85 -19.71
C VAL D 5 -18.11 -16.75 -19.14
N ALA D 6 -18.27 -16.75 -17.83
CA ALA D 6 -19.10 -15.76 -17.19
C ALA D 6 -18.49 -15.22 -15.91
N VAL D 7 -18.96 -14.04 -15.52
CA VAL D 7 -18.56 -13.38 -14.29
C VAL D 7 -19.89 -13.25 -13.58
N GLU D 8 -20.07 -14.04 -12.53
CA GLU D 8 -21.31 -14.04 -11.77
C GLU D 8 -21.32 -13.17 -10.52
N LEU D 9 -22.45 -12.51 -10.30
CA LEU D 9 -22.66 -11.72 -9.11
C LEU D 9 -23.62 -12.65 -8.37
N ASP D 10 -23.04 -13.57 -7.60
CA ASP D 10 -23.79 -14.57 -6.85
C ASP D 10 -24.35 -13.97 -5.56
N THR D 11 -25.67 -14.08 -5.34
CA THR D 11 -26.27 -13.52 -4.13
C THR D 11 -26.66 -14.56 -3.09
N TYR D 12 -26.70 -15.84 -3.50
CA TYR D 12 -27.06 -16.92 -2.60
C TYR D 12 -25.95 -17.97 -2.56
N PRO D 13 -25.49 -18.35 -1.35
CA PRO D 13 -24.42 -19.34 -1.19
C PRO D 13 -24.86 -20.80 -1.08
N ASN D 14 -24.57 -21.59 -2.11
CA ASN D 14 -24.89 -23.01 -2.12
C ASN D 14 -23.62 -23.75 -1.83
N THR D 15 -23.31 -23.91 -0.56
CA THR D 15 -22.09 -24.59 -0.13
C THR D 15 -21.98 -26.02 -0.60
N ASP D 16 -22.99 -26.50 -1.31
CA ASP D 16 -22.97 -27.86 -1.82
C ASP D 16 -22.29 -27.89 -3.19
N ILE D 17 -22.18 -26.73 -3.81
CA ILE D 17 -21.53 -26.63 -5.11
C ILE D 17 -20.39 -25.63 -5.15
N GLY D 18 -19.42 -25.81 -4.25
CA GLY D 18 -18.24 -24.96 -4.19
C GLY D 18 -18.43 -23.47 -3.94
N ASP D 19 -19.53 -23.10 -3.30
CA ASP D 19 -19.80 -21.69 -3.02
C ASP D 19 -19.31 -21.24 -1.66
N PRO D 20 -18.89 -19.98 -1.55
CA PRO D 20 -18.41 -19.42 -0.28
C PRO D 20 -19.71 -19.17 0.49
N SER D 21 -19.65 -19.09 1.81
CA SER D 21 -20.87 -18.86 2.55
C SER D 21 -21.12 -17.37 2.76
N TYR D 22 -21.44 -16.69 1.66
CA TYR D 22 -21.73 -15.25 1.67
C TYR D 22 -21.80 -14.76 0.24
N PRO D 23 -22.45 -13.62 0.01
CA PRO D 23 -22.52 -13.12 -1.37
C PRO D 23 -21.12 -12.92 -1.91
N HIS D 24 -20.86 -13.40 -3.12
CA HIS D 24 -19.54 -13.30 -3.70
C HIS D 24 -19.65 -13.11 -5.20
N ILE D 25 -18.55 -12.66 -5.81
CA ILE D 25 -18.53 -12.50 -7.25
C ILE D 25 -17.33 -13.34 -7.70
N GLY D 26 -17.56 -14.17 -8.71
CA GLY D 26 -16.50 -15.01 -9.22
C GLY D 26 -16.50 -15.14 -10.73
N ILE D 27 -15.44 -15.73 -11.25
CA ILE D 27 -15.27 -15.94 -12.67
C ILE D 27 -15.47 -17.42 -13.00
N ASP D 28 -16.45 -17.71 -13.85
CA ASP D 28 -16.75 -19.08 -14.22
C ASP D 28 -16.25 -19.39 -15.63
N ILE D 29 -15.57 -20.53 -15.76
CA ILE D 29 -15.04 -20.98 -17.04
C ILE D 29 -15.60 -22.36 -17.35
N LYS D 30 -16.71 -22.39 -18.06
CA LYS D 30 -17.35 -23.65 -18.43
C LYS D 30 -17.78 -24.47 -17.21
N SER D 31 -18.20 -23.79 -16.15
CA SER D 31 -18.62 -24.45 -14.92
C SER D 31 -19.14 -23.46 -13.87
N VAL D 32 -20.21 -23.84 -13.17
CA VAL D 32 -20.81 -23.00 -12.15
C VAL D 32 -19.91 -22.96 -10.91
N ARG D 33 -18.83 -23.73 -10.94
CA ARG D 33 -17.89 -23.76 -9.83
C ARG D 33 -16.78 -22.75 -10.14
N SER D 34 -16.99 -21.51 -9.68
CA SER D 34 -16.05 -20.43 -9.91
C SER D 34 -14.59 -20.85 -9.76
N LYS D 35 -13.76 -20.35 -10.66
CA LYS D 35 -12.33 -20.64 -10.64
C LYS D 35 -11.69 -19.75 -9.59
N LYS D 36 -12.27 -18.56 -9.41
CA LYS D 36 -11.78 -17.58 -8.46
C LYS D 36 -12.99 -16.83 -7.94
N THR D 37 -13.02 -16.51 -6.64
CA THR D 37 -14.15 -15.75 -6.08
C THR D 37 -13.68 -14.60 -5.19
N ALA D 38 -14.61 -13.76 -4.75
CA ALA D 38 -14.29 -12.63 -3.90
C ALA D 38 -15.53 -12.21 -3.12
N LYS D 39 -15.37 -11.99 -1.82
CA LYS D 39 -16.48 -11.60 -0.96
C LYS D 39 -17.10 -10.32 -1.49
N TRP D 40 -18.43 -10.30 -1.58
CA TRP D 40 -19.15 -9.14 -2.10
C TRP D 40 -20.21 -8.64 -1.13
N ASN D 41 -20.01 -7.40 -0.66
CA ASN D 41 -20.93 -6.74 0.28
C ASN D 41 -22.13 -6.22 -0.51
N MET D 42 -22.99 -7.14 -0.89
CA MET D 42 -24.16 -6.81 -1.67
C MET D 42 -25.16 -5.96 -0.88
N GLN D 43 -25.47 -4.78 -1.41
CA GLN D 43 -26.40 -3.86 -0.77
C GLN D 43 -27.79 -3.99 -1.37
N ASN D 44 -28.71 -4.57 -0.61
CA ASN D 44 -30.05 -4.80 -1.08
C ASN D 44 -30.85 -3.54 -1.37
N GLY D 45 -31.33 -3.42 -2.62
CA GLY D 45 -32.15 -2.29 -3.01
C GLY D 45 -31.44 -1.09 -3.60
N LYS D 46 -30.12 -1.16 -3.68
CA LYS D 46 -29.32 -0.06 -4.23
C LYS D 46 -28.81 -0.41 -5.63
N VAL D 47 -28.71 0.62 -6.48
CA VAL D 47 -28.22 0.42 -7.83
C VAL D 47 -26.71 0.24 -7.76
N GLY D 48 -26.24 -0.87 -8.30
CA GLY D 48 -24.82 -1.14 -8.31
C GLY D 48 -24.27 -1.09 -9.72
N THR D 49 -22.95 -1.20 -9.86
CA THR D 49 -22.33 -1.15 -11.17
C THR D 49 -21.30 -2.26 -11.31
N ALA D 50 -21.16 -2.81 -12.51
CA ALA D 50 -20.21 -3.90 -12.72
C ALA D 50 -19.37 -3.63 -13.95
N HIS D 51 -18.05 -3.65 -13.77
CA HIS D 51 -17.07 -3.42 -14.83
C HIS D 51 -16.31 -4.70 -15.11
N ILE D 52 -16.32 -5.14 -16.35
CA ILE D 52 -15.56 -6.33 -16.72
C ILE D 52 -14.58 -5.90 -17.80
N ILE D 53 -13.33 -6.32 -17.67
CA ILE D 53 -12.30 -5.99 -18.65
C ILE D 53 -11.44 -7.21 -18.93
N TYR D 54 -10.78 -7.18 -20.09
CA TYR D 54 -9.92 -8.27 -20.52
C TYR D 54 -9.12 -7.83 -21.74
N ASN D 55 -7.88 -8.29 -21.84
CA ASN D 55 -7.05 -7.96 -22.99
C ASN D 55 -6.12 -9.14 -23.27
N SER D 56 -5.83 -9.35 -24.55
CA SER D 56 -5.01 -10.46 -24.97
C SER D 56 -3.54 -10.31 -24.65
N VAL D 57 -3.09 -9.11 -24.34
CA VAL D 57 -1.69 -8.97 -24.02
C VAL D 57 -1.40 -9.64 -22.68
N ASP D 58 -2.29 -9.47 -21.71
CA ASP D 58 -2.11 -10.06 -20.39
C ASP D 58 -2.93 -11.34 -20.24
N LYS D 59 -3.92 -11.50 -21.10
CA LYS D 59 -4.79 -12.67 -21.05
C LYS D 59 -5.36 -12.82 -19.63
N ARG D 60 -5.75 -11.70 -19.04
CA ARG D 60 -6.32 -11.70 -17.70
C ARG D 60 -7.69 -11.04 -17.66
N LEU D 61 -8.68 -11.78 -17.16
CA LEU D 61 -10.05 -11.30 -17.07
C LEU D 61 -10.31 -10.77 -15.65
N SER D 62 -10.64 -9.48 -15.54
CA SER D 62 -10.90 -8.86 -14.23
C SER D 62 -12.27 -8.22 -14.19
N ALA D 63 -12.82 -8.12 -12.99
CA ALA D 63 -14.14 -7.54 -12.79
C ALA D 63 -14.22 -6.80 -11.47
N VAL D 64 -15.12 -5.83 -11.41
CA VAL D 64 -15.33 -5.06 -10.19
C VAL D 64 -16.76 -4.59 -10.06
N VAL D 65 -17.41 -5.01 -8.98
CA VAL D 65 -18.76 -4.54 -8.76
C VAL D 65 -18.57 -3.48 -7.68
N SER D 66 -19.42 -2.45 -7.68
CA SER D 66 -19.32 -1.41 -6.68
C SER D 66 -20.63 -0.64 -6.53
N TYR D 67 -20.84 -0.10 -5.34
CA TYR D 67 -22.03 0.68 -5.03
C TYR D 67 -21.56 2.09 -4.64
N PRO D 68 -22.34 3.13 -4.96
CA PRO D 68 -21.94 4.49 -4.62
C PRO D 68 -21.51 4.59 -3.17
N ASN D 69 -20.38 5.21 -2.91
CA ASN D 69 -19.89 5.35 -1.54
C ASN D 69 -19.94 4.03 -0.80
N ALA D 70 -19.00 3.14 -1.13
CA ALA D 70 -18.88 1.83 -0.51
C ALA D 70 -17.69 1.15 -1.15
N ASP D 71 -17.13 0.15 -0.47
CA ASP D 71 -15.99 -0.55 -1.02
C ASP D 71 -16.39 -1.27 -2.29
N SER D 72 -15.40 -1.71 -3.05
CA SER D 72 -15.64 -2.39 -4.31
C SER D 72 -15.02 -3.78 -4.33
N ALA D 73 -15.83 -4.78 -4.66
CA ALA D 73 -15.35 -6.16 -4.73
C ALA D 73 -14.51 -6.28 -5.98
N THR D 74 -13.47 -7.11 -5.91
CA THR D 74 -12.59 -7.31 -7.05
C THR D 74 -12.16 -8.77 -7.16
N VAL D 75 -12.16 -9.27 -8.39
CA VAL D 75 -11.77 -10.64 -8.64
C VAL D 75 -11.13 -10.69 -10.02
N SER D 76 -10.00 -11.36 -10.12
CA SER D 76 -9.30 -11.47 -11.41
C SER D 76 -8.83 -12.90 -11.59
N TYR D 77 -8.50 -13.25 -12.84
CA TYR D 77 -8.06 -14.60 -13.14
C TYR D 77 -7.38 -14.60 -14.50
N ASP D 78 -6.24 -15.28 -14.57
CA ASP D 78 -5.47 -15.37 -15.79
C ASP D 78 -5.94 -16.52 -16.64
N VAL D 79 -6.38 -16.19 -17.84
CA VAL D 79 -6.87 -17.19 -18.77
C VAL D 79 -6.72 -16.73 -20.21
N ASP D 80 -6.44 -17.68 -21.10
CA ASP D 80 -6.27 -17.37 -22.51
C ASP D 80 -7.58 -17.75 -23.17
N LEU D 81 -8.43 -16.76 -23.43
CA LEU D 81 -9.72 -17.02 -24.04
C LEU D 81 -9.62 -17.70 -25.40
N ASP D 82 -8.44 -17.65 -26.01
CA ASP D 82 -8.21 -18.29 -27.31
C ASP D 82 -8.36 -19.80 -27.19
N ASN D 83 -7.85 -20.35 -26.08
CA ASN D 83 -7.91 -21.78 -25.86
C ASN D 83 -9.20 -22.20 -25.20
N VAL D 84 -10.16 -21.30 -25.09
CA VAL D 84 -11.41 -21.65 -24.45
C VAL D 84 -12.66 -21.39 -25.27
N LEU D 85 -12.72 -20.25 -25.95
CA LEU D 85 -13.89 -19.89 -26.75
C LEU D 85 -13.60 -19.91 -28.25
N PRO D 86 -14.66 -20.00 -29.08
CA PRO D 86 -14.51 -20.00 -30.54
C PRO D 86 -14.28 -18.53 -30.93
N GLU D 87 -13.72 -18.26 -32.10
CA GLU D 87 -13.45 -16.86 -32.42
C GLU D 87 -14.69 -15.96 -32.60
N TRP D 88 -15.82 -16.56 -32.95
CA TRP D 88 -17.06 -15.81 -33.09
C TRP D 88 -17.95 -16.25 -31.94
N VAL D 89 -18.44 -15.27 -31.16
CA VAL D 89 -19.27 -15.58 -30.00
C VAL D 89 -20.43 -14.60 -29.90
N ARG D 90 -21.26 -14.77 -28.87
CA ARG D 90 -22.34 -13.82 -28.59
C ARG D 90 -22.18 -13.39 -27.13
N VAL D 91 -22.58 -12.18 -26.78
CA VAL D 91 -22.45 -11.71 -25.39
C VAL D 91 -23.81 -11.40 -24.78
N GLY D 92 -23.91 -11.41 -23.46
CA GLY D 92 -25.20 -11.11 -22.87
C GLY D 92 -25.29 -11.19 -21.37
N LEU D 93 -26.51 -11.03 -20.86
CA LEU D 93 -26.76 -11.09 -19.43
C LEU D 93 -27.74 -12.20 -19.05
N SER D 94 -27.42 -12.91 -17.99
CA SER D 94 -28.24 -14.01 -17.50
C SER D 94 -28.69 -13.73 -16.06
N ALA D 95 -29.66 -14.47 -15.57
CA ALA D 95 -30.14 -14.29 -14.21
C ALA D 95 -31.20 -15.32 -13.85
N SER D 96 -31.37 -15.57 -12.56
CA SER D 96 -32.35 -16.56 -12.12
C SER D 96 -32.75 -16.46 -10.65
N THR D 97 -33.84 -17.13 -10.34
CA THR D 97 -34.37 -17.19 -8.98
C THR D 97 -34.75 -18.66 -8.77
N GLY D 98 -34.93 -19.04 -7.51
CA GLY D 98 -35.31 -20.41 -7.21
C GLY D 98 -36.30 -20.41 -6.07
N LEU D 99 -35.93 -21.04 -4.97
CA LEU D 99 -36.78 -21.11 -3.79
C LEU D 99 -36.92 -19.67 -3.27
N TYR D 100 -35.81 -18.95 -3.25
CA TYR D 100 -35.79 -17.56 -2.82
C TYR D 100 -35.70 -16.69 -4.07
N LYS D 101 -36.27 -15.48 -4.00
CA LYS D 101 -36.25 -14.58 -5.15
C LYS D 101 -35.69 -13.19 -4.89
N GLU D 102 -35.56 -12.43 -5.97
CA GLU D 102 -35.05 -11.06 -5.97
C GLU D 102 -35.31 -10.55 -7.37
N THR D 103 -35.23 -9.23 -7.57
CA THR D 103 -35.44 -8.67 -8.91
C THR D 103 -34.09 -8.49 -9.59
N ASN D 104 -33.95 -9.07 -10.78
CA ASN D 104 -32.70 -8.95 -11.52
C ASN D 104 -32.86 -7.91 -12.64
N THR D 105 -32.96 -6.65 -12.23
CA THR D 105 -33.17 -5.52 -13.14
C THR D 105 -31.90 -4.87 -13.67
N ILE D 106 -31.81 -4.73 -14.99
CA ILE D 106 -30.66 -4.08 -15.59
C ILE D 106 -31.13 -2.71 -16.07
N LEU D 107 -30.43 -1.66 -15.65
CA LEU D 107 -30.81 -0.31 -16.02
C LEU D 107 -29.99 0.24 -17.19
N SER D 108 -28.81 -0.34 -17.41
CA SER D 108 -27.95 0.08 -18.51
C SER D 108 -26.95 -1.02 -18.82
N TRP D 109 -26.46 -1.03 -20.04
CA TRP D 109 -25.52 -2.03 -20.47
C TRP D 109 -24.77 -1.56 -21.71
N SER D 110 -23.46 -1.49 -21.59
CA SER D 110 -22.64 -1.07 -22.72
C SER D 110 -21.51 -2.07 -22.85
N PHE D 111 -20.99 -2.21 -24.06
CA PHE D 111 -19.93 -3.16 -24.34
C PHE D 111 -19.11 -2.63 -25.51
N THR D 112 -17.80 -2.87 -25.48
CA THR D 112 -16.90 -2.45 -26.54
C THR D 112 -15.88 -3.55 -26.80
N SER D 113 -15.69 -3.90 -28.07
CA SER D 113 -14.73 -4.93 -28.43
C SER D 113 -13.85 -4.42 -29.56
N LYS D 114 -12.57 -4.79 -29.54
CA LYS D 114 -11.61 -4.34 -30.54
C LYS D 114 -10.55 -5.37 -30.91
N LEU D 115 -10.22 -5.44 -32.19
CA LEU D 115 -9.18 -6.33 -32.67
C LEU D 115 -8.24 -5.50 -33.49
N LYS D 116 -6.94 -5.61 -33.20
CA LYS D 116 -5.90 -4.88 -33.92
C LYS D 116 -5.08 -5.94 -34.67
N SER D 117 -5.26 -6.00 -35.98
CA SER D 117 -4.54 -6.97 -36.81
C SER D 117 -3.13 -6.47 -37.07
N ASN D 118 -2.19 -7.38 -37.31
CA ASN D 118 -0.81 -6.97 -37.55
C ASN D 118 -0.72 -6.22 -38.89
N SER D 119 -1.08 -4.95 -38.83
CA SER D 119 -1.09 -4.05 -39.98
C SER D 119 -1.37 -2.67 -39.40
N THR D 120 -0.86 -1.62 -40.04
CA THR D 120 -1.04 -0.24 -39.55
C THR D 120 -2.38 0.03 -38.88
N HIS D 121 -2.46 -0.31 -37.60
CA HIS D 121 -3.66 -0.14 -36.78
C HIS D 121 -4.98 -0.58 -37.43
N GLU D 122 -4.92 -1.48 -38.40
CA GLU D 122 -6.16 -1.97 -39.02
C GLU D 122 -6.94 -2.60 -37.89
N THR D 123 -7.94 -1.86 -37.41
CA THR D 123 -8.73 -2.30 -36.30
C THR D 123 -10.22 -2.43 -36.57
N ASN D 124 -10.75 -3.58 -36.20
CA ASN D 124 -12.18 -3.89 -36.30
C ASN D 124 -12.72 -3.53 -34.93
N ALA D 125 -13.93 -2.98 -34.88
CA ALA D 125 -14.49 -2.62 -33.59
C ALA D 125 -16.00 -2.75 -33.54
N LEU D 126 -16.52 -3.03 -32.35
CA LEU D 126 -17.95 -3.16 -32.14
C LEU D 126 -18.28 -2.41 -30.85
N HIS D 127 -19.31 -1.59 -30.88
CA HIS D 127 -19.69 -0.87 -29.68
C HIS D 127 -21.18 -0.64 -29.57
N PHE D 128 -21.76 -1.08 -28.47
CA PHE D 128 -23.18 -0.87 -28.25
C PHE D 128 -23.39 -0.39 -26.81
N MET D 129 -24.35 0.51 -26.64
CA MET D 129 -24.66 1.08 -25.33
C MET D 129 -26.17 1.22 -25.16
N PHE D 130 -26.68 0.73 -24.04
CA PHE D 130 -28.11 0.80 -23.75
C PHE D 130 -28.33 1.53 -22.42
N ASN D 131 -29.15 2.59 -22.46
CA ASN D 131 -29.48 3.35 -21.26
C ASN D 131 -30.99 3.34 -21.15
N GLN D 132 -31.63 3.13 -22.31
CA GLN D 132 -33.07 3.06 -22.44
C GLN D 132 -33.39 1.74 -23.13
N PHE D 133 -34.38 1.03 -22.61
CA PHE D 133 -34.80 -0.23 -23.21
C PHE D 133 -36.24 -0.05 -23.69
N SER D 134 -36.53 -0.55 -24.88
CA SER D 134 -37.86 -0.44 -25.49
C SER D 134 -38.60 -1.74 -25.35
N LYS D 135 -39.92 -1.66 -25.33
CA LYS D 135 -40.73 -2.85 -25.20
C LYS D 135 -40.35 -3.83 -26.30
N ASP D 136 -39.87 -3.30 -27.42
CA ASP D 136 -39.47 -4.14 -28.53
C ASP D 136 -38.04 -3.82 -29.01
N GLN D 137 -37.08 -4.41 -28.32
CA GLN D 137 -35.66 -4.23 -28.60
C GLN D 137 -35.24 -5.27 -29.63
N LYS D 138 -35.49 -4.99 -30.90
CA LYS D 138 -35.17 -5.93 -31.98
C LYS D 138 -33.70 -6.31 -32.08
N ASP D 139 -32.82 -5.56 -31.41
CA ASP D 139 -31.40 -5.89 -31.47
C ASP D 139 -30.94 -6.67 -30.25
N LEU D 140 -31.91 -7.25 -29.53
CA LEU D 140 -31.63 -8.08 -28.37
C LEU D 140 -32.38 -9.39 -28.52
N ILE D 141 -31.75 -10.47 -28.06
CA ILE D 141 -32.38 -11.78 -28.12
C ILE D 141 -32.75 -12.14 -26.68
N LEU D 142 -34.02 -11.99 -26.36
CA LEU D 142 -34.53 -12.28 -25.04
C LEU D 142 -34.95 -13.75 -24.96
N GLN D 143 -34.45 -14.46 -23.95
CA GLN D 143 -34.78 -15.86 -23.78
C GLN D 143 -35.41 -16.03 -22.40
N GLY D 144 -36.11 -17.15 -22.20
CA GLY D 144 -36.75 -17.39 -20.91
C GLY D 144 -37.78 -16.31 -20.55
N ASP D 145 -37.81 -15.94 -19.27
CA ASP D 145 -38.75 -14.93 -18.80
C ASP D 145 -38.20 -13.50 -18.84
N ALA D 146 -37.21 -13.26 -19.69
CA ALA D 146 -36.64 -11.92 -19.81
C ALA D 146 -37.57 -11.00 -20.59
N THR D 147 -37.70 -9.76 -20.12
CA THR D 147 -38.58 -8.77 -20.77
C THR D 147 -37.96 -7.38 -20.68
N THR D 148 -38.37 -6.49 -21.56
CA THR D 148 -37.84 -5.13 -21.60
C THR D 148 -38.95 -4.10 -21.76
N GLY D 149 -38.58 -2.83 -21.76
CA GLY D 149 -39.55 -1.76 -21.93
C GLY D 149 -40.22 -1.29 -20.65
N THR D 150 -40.15 -2.12 -19.61
CA THR D 150 -40.74 -1.81 -18.30
C THR D 150 -39.90 -0.80 -17.54
N ASP D 151 -40.22 0.49 -17.70
CA ASP D 151 -39.50 1.59 -17.06
C ASP D 151 -38.20 1.86 -17.84
N GLY D 152 -38.12 1.31 -19.04
CA GLY D 152 -36.92 1.48 -19.85
C GLY D 152 -35.86 0.58 -19.25
N ASN D 153 -36.29 -0.51 -18.62
CA ASN D 153 -35.37 -1.44 -17.99
C ASN D 153 -35.51 -2.86 -18.52
N LEU D 154 -34.49 -3.66 -18.27
CA LEU D 154 -34.48 -5.05 -18.70
C LEU D 154 -34.66 -5.91 -17.47
N GLU D 155 -35.81 -6.58 -17.39
CA GLU D 155 -36.12 -7.46 -16.28
C GLU D 155 -35.71 -8.85 -16.73
N LEU D 156 -34.59 -9.34 -16.20
CA LEU D 156 -34.11 -10.67 -16.56
C LEU D 156 -35.01 -11.80 -16.03
N THR D 157 -35.60 -11.60 -14.85
CA THR D 157 -36.48 -12.61 -14.26
C THR D 157 -37.86 -12.02 -13.97
N ARG D 158 -38.84 -12.91 -13.85
CA ARG D 158 -40.24 -12.56 -13.60
C ARG D 158 -40.49 -11.59 -12.44
N VAL D 159 -41.48 -10.73 -12.64
CA VAL D 159 -41.89 -9.74 -11.65
C VAL D 159 -43.35 -9.37 -11.90
N SER D 160 -44.18 -9.55 -10.88
CA SER D 160 -45.60 -9.22 -10.99
C SER D 160 -45.78 -7.70 -11.08
N SER D 161 -47.03 -7.26 -11.03
CA SER D 161 -47.35 -5.83 -11.09
C SER D 161 -46.98 -5.08 -9.82
N ASN D 162 -47.35 -5.62 -8.67
CA ASN D 162 -47.02 -4.97 -7.41
C ASN D 162 -45.52 -4.72 -7.32
N GLY D 163 -44.77 -5.36 -8.22
CA GLY D 163 -43.33 -5.19 -8.26
C GLY D 163 -42.49 -6.22 -7.53
N SER D 164 -43.14 -7.25 -7.01
CA SER D 164 -42.41 -8.27 -6.27
C SER D 164 -41.89 -9.37 -7.20
N PRO D 165 -40.67 -9.84 -6.93
CA PRO D 165 -40.06 -10.90 -7.74
C PRO D 165 -40.77 -12.25 -7.59
N GLN D 166 -40.60 -13.11 -8.59
CA GLN D 166 -41.21 -14.44 -8.60
C GLN D 166 -40.11 -15.49 -8.45
N GLY D 167 -40.46 -16.64 -7.90
CA GLY D 167 -39.48 -17.70 -7.72
C GLY D 167 -39.33 -18.55 -8.97
N SER D 168 -38.38 -19.47 -8.96
CA SER D 168 -38.14 -20.33 -10.10
C SER D 168 -38.30 -19.58 -11.40
N SER D 169 -37.33 -18.72 -11.70
CA SER D 169 -37.38 -17.96 -12.94
C SER D 169 -35.99 -17.85 -13.57
N VAL D 170 -35.96 -17.92 -14.90
CA VAL D 170 -34.72 -17.85 -15.67
C VAL D 170 -34.90 -16.88 -16.83
N GLY D 171 -33.85 -16.14 -17.14
CA GLY D 171 -33.96 -15.21 -18.26
C GLY D 171 -32.61 -14.72 -18.72
N ARG D 172 -32.44 -14.61 -20.03
CA ARG D 172 -31.18 -14.13 -20.59
C ARG D 172 -31.43 -13.03 -21.60
N ALA D 173 -30.34 -12.35 -21.99
CA ALA D 173 -30.42 -11.30 -22.98
C ALA D 173 -29.08 -11.28 -23.70
N LEU D 174 -29.09 -11.65 -24.97
CA LEU D 174 -27.86 -11.64 -25.76
C LEU D 174 -27.99 -10.61 -26.86
N PHE D 175 -26.90 -9.93 -27.19
CA PHE D 175 -26.92 -8.93 -28.26
C PHE D 175 -27.10 -9.65 -29.60
N TYR D 176 -27.85 -9.03 -30.50
CA TYR D 176 -28.15 -9.65 -31.77
C TYR D 176 -26.99 -10.10 -32.67
N ALA D 177 -25.99 -9.25 -32.88
CA ALA D 177 -24.88 -9.65 -33.75
C ALA D 177 -23.73 -10.42 -33.08
N PRO D 178 -23.16 -11.40 -33.79
CA PRO D 178 -22.05 -12.20 -33.26
C PRO D 178 -20.83 -11.31 -33.05
N VAL D 179 -20.04 -11.63 -32.02
CA VAL D 179 -18.83 -10.87 -31.70
C VAL D 179 -17.56 -11.64 -32.06
N HIS D 180 -16.61 -10.93 -32.65
CA HIS D 180 -15.33 -11.52 -33.02
C HIS D 180 -14.43 -11.30 -31.82
N ILE D 181 -14.63 -12.12 -30.79
CA ILE D 181 -13.88 -12.01 -29.54
C ILE D 181 -12.36 -12.21 -29.63
N TRP D 182 -11.88 -12.75 -30.75
CA TRP D 182 -10.45 -12.97 -30.92
C TRP D 182 -10.12 -13.46 -32.33
N GLU D 183 -8.86 -13.26 -32.75
CA GLU D 183 -8.42 -13.71 -34.06
C GLU D 183 -6.94 -14.08 -34.00
N SER D 184 -6.55 -15.00 -34.87
CA SER D 184 -5.18 -15.49 -34.94
C SER D 184 -4.14 -14.40 -35.11
N SER D 185 -4.21 -13.70 -36.25
CA SER D 185 -3.25 -12.63 -36.53
C SER D 185 -3.64 -11.28 -35.92
N ALA D 186 -4.03 -11.29 -34.65
CA ALA D 186 -4.41 -10.06 -33.98
C ALA D 186 -3.39 -9.66 -32.93
N VAL D 187 -2.73 -8.53 -33.15
CA VAL D 187 -1.71 -8.01 -32.25
C VAL D 187 -2.30 -7.84 -30.86
N VAL D 188 -3.45 -7.18 -30.78
CA VAL D 188 -4.11 -6.95 -29.51
C VAL D 188 -5.61 -7.07 -29.63
N ALA D 189 -6.20 -7.81 -28.71
CA ALA D 189 -7.65 -7.99 -28.69
C ALA D 189 -8.05 -7.59 -27.29
N SER D 190 -9.23 -7.01 -27.15
CA SER D 190 -9.68 -6.57 -25.85
C SER D 190 -11.12 -6.10 -25.88
N PHE D 191 -11.81 -6.28 -24.77
CA PHE D 191 -13.18 -5.84 -24.66
C PHE D 191 -13.42 -5.41 -23.23
N GLU D 192 -14.47 -4.64 -23.01
CA GLU D 192 -14.83 -4.23 -21.67
C GLU D 192 -16.36 -4.16 -21.64
N ALA D 193 -16.94 -4.52 -20.51
CA ALA D 193 -18.38 -4.52 -20.40
C ALA D 193 -18.82 -3.84 -19.10
N THR D 194 -19.94 -3.12 -19.16
CA THR D 194 -20.44 -2.45 -17.98
C THR D 194 -21.95 -2.45 -17.91
N PHE D 195 -22.47 -2.64 -16.71
CA PHE D 195 -23.91 -2.60 -16.51
C PHE D 195 -24.24 -2.19 -15.09
N THR D 196 -25.31 -1.41 -14.96
CA THR D 196 -25.77 -0.96 -13.67
C THR D 196 -26.99 -1.82 -13.39
N PHE D 197 -27.06 -2.33 -12.17
CA PHE D 197 -28.15 -3.23 -11.78
C PHE D 197 -28.82 -2.84 -10.47
N LEU D 198 -30.04 -3.35 -10.32
CA LEU D 198 -30.81 -3.11 -9.12
C LEU D 198 -31.39 -4.43 -8.67
N ILE D 199 -30.88 -4.93 -7.55
CA ILE D 199 -31.35 -6.18 -6.98
C ILE D 199 -32.11 -5.85 -5.68
N LYS D 200 -33.40 -6.14 -5.67
CA LYS D 200 -34.23 -5.88 -4.49
C LYS D 200 -34.88 -7.19 -4.06
N SER D 201 -34.77 -7.49 -2.78
CA SER D 201 -35.36 -8.70 -2.25
C SER D 201 -36.36 -8.29 -1.19
N PRO D 202 -37.63 -8.13 -1.57
CA PRO D 202 -38.63 -7.74 -0.58
C PRO D 202 -38.71 -8.77 0.53
N ASP D 203 -38.65 -10.04 0.14
CA ASP D 203 -38.71 -11.18 1.06
C ASP D 203 -37.48 -11.33 1.95
N SER D 204 -36.62 -10.32 1.96
CA SER D 204 -35.41 -10.32 2.79
C SER D 204 -34.31 -11.31 2.38
N HIS D 205 -34.71 -12.45 1.84
CA HIS D 205 -33.75 -13.48 1.40
C HIS D 205 -33.61 -13.45 -0.11
N PRO D 206 -32.54 -12.83 -0.62
CA PRO D 206 -32.22 -12.68 -2.04
C PRO D 206 -31.55 -13.88 -2.71
N ALA D 207 -31.92 -14.16 -3.96
CA ALA D 207 -31.32 -15.28 -4.71
C ALA D 207 -31.88 -15.33 -6.13
N ASP D 208 -31.00 -15.50 -7.12
CA ASP D 208 -29.82 -16.35 -7.02
C ASP D 208 -28.61 -15.63 -7.61
N GLY D 209 -28.87 -14.64 -8.47
CA GLY D 209 -27.78 -13.90 -9.06
C GLY D 209 -27.92 -13.45 -10.50
N ILE D 210 -26.96 -12.63 -10.92
CA ILE D 210 -26.89 -12.09 -12.26
C ILE D 210 -25.51 -12.42 -12.81
N ALA D 211 -25.37 -12.53 -14.12
CA ALA D 211 -24.07 -12.81 -14.66
C ALA D 211 -23.92 -12.24 -16.04
N PHE D 212 -22.69 -11.84 -16.37
CA PHE D 212 -22.37 -11.34 -17.69
C PHE D 212 -21.67 -12.55 -18.31
N PHE D 213 -22.13 -13.01 -19.46
CA PHE D 213 -21.49 -14.17 -20.07
C PHE D 213 -21.12 -14.01 -21.53
N ILE D 214 -20.30 -14.95 -22.00
CA ILE D 214 -19.84 -15.02 -23.38
C ILE D 214 -20.00 -16.50 -23.79
N SER D 215 -20.52 -16.75 -24.98
CA SER D 215 -20.73 -18.12 -25.41
C SER D 215 -20.80 -18.29 -26.92
N ASN D 216 -21.06 -19.53 -27.35
CA ASN D 216 -21.19 -19.82 -28.77
C ASN D 216 -22.45 -19.13 -29.28
N ILE D 217 -22.38 -18.70 -30.53
CA ILE D 217 -23.46 -17.98 -31.18
C ILE D 217 -24.86 -18.52 -30.93
N ASP D 218 -25.00 -19.83 -30.79
CA ASP D 218 -26.33 -20.39 -30.61
C ASP D 218 -26.68 -20.89 -29.20
N SER D 219 -26.04 -20.35 -28.18
CA SER D 219 -26.35 -20.76 -26.83
C SER D 219 -27.82 -20.50 -26.49
N SER D 220 -28.39 -21.39 -25.67
CA SER D 220 -29.78 -21.28 -25.23
C SER D 220 -29.83 -21.63 -23.75
N ILE D 221 -30.92 -21.32 -23.07
CA ILE D 221 -31.02 -21.62 -21.66
C ILE D 221 -31.03 -23.14 -21.42
N PRO D 222 -30.07 -23.63 -20.61
CA PRO D 222 -30.01 -25.07 -20.33
C PRO D 222 -31.28 -25.52 -19.61
N SER D 223 -31.49 -26.83 -19.53
CA SER D 223 -32.68 -27.35 -18.85
C SER D 223 -32.51 -27.39 -17.33
N GLY D 224 -33.49 -26.80 -16.65
CA GLY D 224 -33.45 -26.77 -15.19
C GLY D 224 -32.26 -25.98 -14.71
N SER D 225 -31.85 -25.00 -15.51
CA SER D 225 -30.72 -24.15 -15.16
C SER D 225 -31.25 -22.96 -14.38
N THR D 226 -32.39 -23.17 -13.74
CA THR D 226 -33.05 -22.17 -12.94
C THR D 226 -32.48 -22.21 -11.52
N GLY D 227 -32.36 -21.04 -10.88
CA GLY D 227 -31.83 -21.01 -9.52
C GLY D 227 -30.32 -20.91 -9.42
N ARG D 228 -29.72 -21.84 -8.68
CA ARG D 228 -28.27 -21.88 -8.48
C ARG D 228 -27.41 -21.93 -9.74
N LEU D 229 -27.93 -22.52 -10.81
CA LEU D 229 -27.16 -22.62 -12.04
C LEU D 229 -27.12 -21.31 -12.84
N LEU D 230 -27.76 -20.28 -12.31
CA LEU D 230 -27.77 -18.97 -12.94
C LEU D 230 -28.33 -18.90 -14.38
N GLY D 231 -28.80 -20.03 -14.89
CA GLY D 231 -29.34 -20.04 -16.24
C GLY D 231 -28.23 -20.20 -17.26
N LEU D 232 -27.04 -20.52 -16.79
CA LEU D 232 -25.88 -20.71 -17.66
C LEU D 232 -25.52 -22.17 -17.92
N PHE D 233 -25.51 -22.96 -16.86
CA PHE D 233 -25.12 -24.36 -16.96
C PHE D 233 -26.25 -25.38 -16.83
N PRO D 234 -26.00 -26.62 -17.30
CA PRO D 234 -26.96 -27.72 -17.25
C PRO D 234 -26.88 -28.54 -15.96
N ASP D 235 -25.73 -28.54 -15.31
CA ASP D 235 -25.54 -29.26 -14.07
C ASP D 235 -24.58 -28.48 -13.16
N ALA D 236 -24.03 -29.14 -12.14
CA ALA D 236 -23.12 -28.46 -11.22
C ALA D 236 -21.73 -29.09 -11.18
N ASN D 237 -21.27 -29.54 -12.33
CA ASN D 237 -19.95 -30.13 -12.45
C ASN D 237 -18.95 -29.01 -12.56
N ASP E 1 14.84 11.24 67.13
CA ASP E 1 13.46 10.70 67.23
C ASP E 1 13.49 9.31 67.87
N VAL E 2 14.66 8.68 67.84
CA VAL E 2 14.85 7.34 68.41
C VAL E 2 16.20 7.25 69.13
N PHE E 3 16.22 6.51 70.24
CA PHE E 3 17.43 6.35 71.05
C PHE E 3 17.86 4.90 71.31
N TYR E 4 19.11 4.60 70.94
CA TYR E 4 19.74 3.27 71.08
C TYR E 4 18.82 2.07 71.29
N PRO E 5 17.76 1.92 70.49
CA PRO E 5 16.85 0.79 70.65
C PRO E 5 17.53 -0.46 71.17
N TYR E 6 18.62 -0.89 70.52
CA TYR E 6 19.34 -2.04 70.99
C TYR E 6 20.82 -1.98 70.64
N PRO E 7 21.16 -1.92 69.34
CA PRO E 7 22.57 -1.85 68.95
C PRO E 7 23.35 -0.72 69.62
N TYR E 8 24.50 -1.07 70.18
CA TYR E 8 25.38 -0.13 70.87
C TYR E 8 25.71 1.13 70.08
N ALA E 9 25.11 2.24 70.50
CA ALA E 9 25.35 3.53 69.85
C ALA E 9 26.43 4.28 70.63
N SER E 10 27.64 4.31 70.08
CA SER E 10 28.79 4.96 70.71
C SER E 10 28.67 6.49 70.75
N GLY E 11 28.32 7.01 71.92
CA GLY E 11 28.16 8.44 72.09
C GLY E 11 26.78 8.81 72.59
N SER E 12 25.89 9.18 71.68
CA SER E 12 24.52 9.55 72.03
C SER E 12 23.49 8.92 71.09
N ASP F 1 43.39 3.65 2.68
CA ASP F 1 42.16 3.84 1.85
C ASP F 1 41.71 5.29 1.93
N VAL F 2 40.39 5.50 1.89
CA VAL F 2 39.83 6.85 1.97
C VAL F 2 40.39 7.64 3.14
N PHE F 3 41.19 8.66 2.84
CA PHE F 3 41.79 9.51 3.87
C PHE F 3 41.03 10.82 4.07
N TYR F 4 41.21 11.79 3.18
CA TYR F 4 40.51 13.07 3.29
C TYR F 4 39.81 13.49 1.98
N PRO F 5 39.41 12.52 1.13
CA PRO F 5 38.74 12.80 -0.14
C PRO F 5 37.47 13.64 -0.09
N TYR F 6 37.60 14.96 0.04
CA TYR F 6 36.44 15.83 0.07
C TYR F 6 36.74 17.33 -0.10
N PRO F 7 35.68 18.10 -0.50
CA PRO F 7 35.79 19.51 -0.98
C PRO F 7 36.84 20.45 -0.41
N TYR F 8 37.32 21.33 -1.30
CA TYR F 8 38.30 22.38 -1.04
C TYR F 8 38.95 22.41 0.34
N ALA F 9 40.13 21.80 0.43
CA ALA F 9 40.87 21.75 1.69
C ALA F 9 42.34 22.12 1.46
N SER F 10 42.94 22.82 2.43
CA SER F 10 44.33 23.23 2.34
C SER F 10 45.26 22.02 2.25
N GLY F 11 46.22 22.08 1.34
CA GLY F 11 47.16 20.99 1.16
C GLY F 11 46.47 19.64 1.04
N SER F 12 47.24 18.57 1.07
CA SER F 12 46.68 17.23 0.98
C SER F 12 47.25 16.35 2.08
N ASP G 1 -1.91 -1.58 -62.37
CA ASP G 1 -2.83 -1.80 -63.53
C ASP G 1 -3.67 -0.54 -63.74
N VAL G 2 -4.99 -0.65 -63.53
CA VAL G 2 -5.88 0.49 -63.69
C VAL G 2 -5.58 1.54 -62.61
N PHE G 3 -4.54 2.33 -62.81
CA PHE G 3 -4.17 3.36 -61.82
C PHE G 3 -5.12 4.54 -61.71
N TYR G 4 -5.20 5.37 -62.74
CA TYR G 4 -6.11 6.52 -62.74
C TYR G 4 -6.79 6.71 -64.11
N PRO G 5 -7.21 5.59 -64.76
CA PRO G 5 -7.86 5.59 -66.07
C PRO G 5 -9.26 6.22 -66.18
N TYR G 6 -9.37 7.53 -65.99
CA TYR G 6 -10.68 8.17 -66.11
C TYR G 6 -10.64 9.70 -66.25
N PRO G 7 -11.68 10.24 -66.92
CA PRO G 7 -11.78 11.63 -67.44
C PRO G 7 -11.08 12.81 -66.75
N TYR G 8 -10.58 13.70 -67.60
CA TYR G 8 -9.88 14.93 -67.23
C TYR G 8 -9.27 14.98 -65.83
N ALA G 9 -8.25 14.15 -65.61
CA ALA G 9 -7.56 14.11 -64.32
C ALA G 9 -6.27 14.91 -64.45
N SER G 10 -6.20 16.07 -63.77
CA SER G 10 -5.03 16.93 -63.83
C SER G 10 -3.72 16.14 -63.72
N GLY G 11 -2.87 16.28 -64.73
CA GLY G 11 -1.60 15.57 -64.74
C GLY G 11 -1.80 14.07 -64.80
N SER G 12 -0.72 13.31 -64.59
CA SER G 12 -0.80 11.87 -64.61
C SER G 12 -0.62 11.27 -63.21
N ASP H 1 -37.30 0.72 -1.30
CA ASP H 1 -38.18 0.19 -0.20
C ASP H 1 -37.50 -0.93 0.57
N VAL H 2 -36.57 -1.62 -0.09
CA VAL H 2 -35.85 -2.74 0.52
C VAL H 2 -34.56 -2.24 1.19
N PHE H 3 -34.37 -2.56 2.47
CA PHE H 3 -33.18 -2.13 3.19
C PHE H 3 -32.33 -3.22 3.84
N TYR H 4 -31.29 -3.64 3.10
CA TYR H 4 -30.32 -4.65 3.55
C TYR H 4 -30.88 -5.84 4.33
N PRO H 5 -31.90 -6.53 3.78
CA PRO H 5 -32.53 -7.69 4.40
C PRO H 5 -31.57 -8.70 5.05
N TYR H 6 -30.56 -9.13 4.30
CA TYR H 6 -29.60 -10.09 4.83
C TYR H 6 -28.17 -9.70 4.45
N PRO H 7 -27.87 -9.60 3.14
CA PRO H 7 -26.53 -9.24 2.71
C PRO H 7 -26.06 -7.87 3.22
N TYR H 8 -24.89 -7.88 3.85
CA TYR H 8 -24.23 -6.71 4.43
C TYR H 8 -24.24 -5.48 3.53
N ALA H 9 -24.98 -4.46 3.96
CA ALA H 9 -25.08 -3.22 3.21
C ALA H 9 -24.20 -2.14 3.84
N SER H 10 -23.15 -1.74 3.12
CA SER H 10 -22.21 -0.73 3.59
C SER H 10 -22.85 0.66 3.61
N GLY H 11 -23.04 1.20 4.81
CA GLY H 11 -23.63 2.53 4.93
C GLY H 11 -25.13 2.52 5.15
N SER H 12 -25.88 2.81 4.08
CA SER H 12 -27.34 2.86 4.16
C SER H 12 -28.00 2.20 2.96
#